data_4YH7
#
_entry.id   4YH7
#
_cell.length_a   286.295
_cell.length_b   286.295
_cell.length_c   70.183
_cell.angle_alpha   90.00
_cell.angle_beta   90.00
_cell.angle_gamma   90.00
#
_symmetry.space_group_name_H-M   'I 41'
#
loop_
_entity.id
_entity.type
_entity.pdbx_description
1 polymer 'Receptor-type tyrosine-protein phosphatase delta'
2 polymer 'Interleukin-1 receptor accessory protein-like 1'
3 branched 2-acetamido-2-deoxy-beta-D-glucopyranose-(1-4)-2-acetamido-2-deoxy-beta-D-glucopyranose
4 branched alpha-D-mannopyranose-(1-3)-[alpha-D-mannopyranose-(1-6)]beta-D-mannopyranose-(1-4)-2-acetamido-2-deoxy-beta-D-glucopyranose-(1-4)-2-acetamido-2-deoxy-beta-D-glucopyranose
5 non-polymer 2-acetamido-2-deoxy-beta-D-glucopyranose
#
loop_
_entity_poly.entity_id
_entity_poly.type
_entity_poly.pdbx_seq_one_letter_code
_entity_poly.pdbx_strand_id
1 'polypeptide(L)'
;ETPPRFTRTPVDQTGVSGGVASFICQATGDPRPKIVWNKKGKKVSNQRFEVIEFDDGSGSVLRIQPLRTPRDEAIYECVA
SNNVGEISVSTRLTVLREDQIPRGFPTIDMGPQLKVVERTRTATMLCAASGNPDPEITWFKDFLPVDTSNNNGRIKQLRS
ESIGGTPIRGALQIEQSEESDQGKYECVATNSAGTRYSAPANLYVRELREVRRVPPRFSIPPTNHEIMPGGSVNITCVAV
GSPMPYVKWMLGAEDLTPEDDMPIGRNVLELNDVRQSANYTCVAMSTLGVIEAIAQITVKALPKPPGTPVVTESTATSIT
LTWDSGNPEPVSYYIIQHKPKNSEEPYKEIDGIATTRYSVAGLSPYSDYEFRVVAVNNIGRGPASEPVLTQTSEQAPSSA
PRDVQARMLSSTTILVQWKEPEEPNGQIQGYRVYYTMDPTQHVNNWMKHNVADSQITTIGNLVPQKTYSVKVLAFTSIGD
GPLSSDIQVITQTGVPGQPLNFKAEPESETSILLSWTPPRSDTIASYELVYRDGDQGEEQRITIEPGTSYRLQGLKPNSL
YYFRLSARSPQGLGASTAEISARTMQSMFAKNFHVKAVMKTSVLLSWEIPENYNSAMPFKILYDDGKMVEEVDGRATQKL
IVNLKPEKSYSFVLTNRGNSAGGLQHRVTAKTAPDVLRTKPAFIGKTNLDGMITVQLPDVPANENIKGYYIIIVPLKKSR
GKFIKPWESPDEMELDELLKEISRKRRSIRYGREVELKPYIAAHFDVLPTEFTLGDDKHYGGFTNKQLQSGQEYVFFVLA
VMDHAESKMYATSPYSDPVVSMDLDPQPITDEEEKHHHHHH
;
A
2 'polypeptide(L)'
;AQPAARDLKVVTKRGSADGCTDWSVDIKKYQVLVGEPVRIKCALFYGYIRTNYSLAQSAGLSLMWYKSSGPGDFEEPIAF
DGSRMSKEEDSIWFRPTLLQDSGLYACVIRNSTYCMKVSISLTVGENDTGLCYNSKMKYFEKAELSKSKEISCRDIEDFL
LPTREPEILWYKECRTKAWRPSIVFKRDTLLIKEVKEDDIGNYTCELKYGGFVVRRTTELTVTAPLTDKPPKLLYPMESK
LTVQETQLGGSANLTCRAFFGYSGDVSPLIYWMKGEKFIEDLDENRVWESDIRILKEHLGEQEVSISLIVDSVEEGDLGN
YSCYVENGNGRRHASVLLHKRKHHHHHH
;
B
#
# COMPACT_ATOMS: atom_id res chain seq x y z
N GLU A 1 -28.51 28.37 49.47
CA GLU A 1 -29.25 27.12 49.40
C GLU A 1 -30.17 27.10 48.18
N THR A 2 -30.22 25.97 47.49
CA THR A 2 -31.18 25.77 46.41
C THR A 2 -32.09 24.56 46.61
N PRO A 3 -33.34 24.65 46.12
CA PRO A 3 -34.30 23.55 46.20
C PRO A 3 -33.94 22.48 45.16
N PRO A 4 -34.44 21.25 45.32
CA PRO A 4 -33.96 20.20 44.40
C PRO A 4 -34.45 20.38 42.97
N ARG A 5 -33.59 20.05 42.01
CA ARG A 5 -33.95 20.11 40.58
C ARG A 5 -33.38 18.92 39.79
N PHE A 6 -34.18 18.39 38.86
CA PHE A 6 -33.83 17.16 38.14
C PHE A 6 -32.72 17.35 37.11
N THR A 7 -31.71 16.48 37.19
CA THR A 7 -30.70 16.37 36.14
C THR A 7 -31.08 15.24 35.18
N ARG A 8 -31.75 14.22 35.70
CA ARG A 8 -32.24 13.12 34.86
C ARG A 8 -33.60 12.60 35.31
N THR A 9 -34.59 12.65 34.42
CA THR A 9 -35.92 12.17 34.76
C THR A 9 -36.14 10.78 34.18
N PRO A 10 -36.86 9.92 34.91
CA PRO A 10 -37.14 8.59 34.38
C PRO A 10 -38.07 8.66 33.16
N VAL A 11 -37.87 7.78 32.19
CA VAL A 11 -38.81 7.69 31.08
C VAL A 11 -39.62 6.41 31.22
N ASP A 12 -40.85 6.41 30.72
CA ASP A 12 -41.69 5.21 30.66
C ASP A 12 -40.96 3.98 30.10
N GLN A 13 -41.38 2.79 30.53
CA GLN A 13 -40.79 1.55 30.01
C GLN A 13 -41.84 0.47 29.78
N THR A 14 -41.51 -0.48 28.89
CA THR A 14 -42.35 -1.65 28.62
C THR A 14 -41.51 -2.92 28.50
N GLY A 15 -41.40 -3.70 29.57
CA GLY A 15 -40.56 -4.88 29.57
C GLY A 15 -41.29 -6.20 29.37
N VAL A 16 -40.58 -7.31 29.52
CA VAL A 16 -41.14 -8.65 29.27
C VAL A 16 -41.03 -9.64 30.43
N SER A 17 -42.11 -10.40 30.66
CA SER A 17 -42.23 -11.28 31.83
C SER A 17 -41.02 -12.17 32.03
N GLY A 18 -40.53 -12.21 33.25
CA GLY A 18 -39.32 -12.93 33.57
C GLY A 18 -38.14 -12.22 32.95
N GLY A 19 -38.19 -10.89 32.94
CA GLY A 19 -37.06 -10.13 32.42
C GLY A 19 -36.68 -9.00 33.35
N VAL A 20 -36.06 -7.96 32.79
CA VAL A 20 -35.63 -6.82 33.60
C VAL A 20 -36.34 -5.50 33.21
N ALA A 21 -36.57 -4.64 34.18
CA ALA A 21 -36.91 -3.23 33.91
C ALA A 21 -36.06 -2.34 34.82
N SER A 22 -35.48 -1.28 34.26
CA SER A 22 -34.77 -0.29 35.09
C SER A 22 -35.33 1.13 34.95
N PHE A 23 -35.44 1.83 36.08
CA PHE A 23 -35.86 3.23 36.09
C PHE A 23 -34.81 4.13 36.77
N ILE A 24 -34.57 5.31 36.19
CA ILE A 24 -33.51 6.18 36.69
C ILE A 24 -33.99 7.54 37.22
N CYS A 25 -33.49 7.93 38.38
CA CYS A 25 -33.78 9.25 38.93
C CYS A 25 -32.51 9.83 39.53
N GLN A 26 -32.01 10.89 38.94
CA GLN A 26 -30.83 11.57 39.44
C GLN A 26 -31.21 13.03 39.68
N ALA A 27 -30.79 13.59 40.81
CA ALA A 27 -31.18 14.95 41.15
C ALA A 27 -30.09 15.71 41.89
N THR A 28 -30.16 17.03 41.78
CA THR A 28 -29.20 17.95 42.40
C THR A 28 -29.95 18.94 43.29
N GLY A 29 -29.33 19.33 44.39
CA GLY A 29 -29.91 20.33 45.28
C GLY A 29 -29.03 20.59 46.48
N ASP A 30 -29.29 21.70 47.17
CA ASP A 30 -28.58 22.03 48.40
C ASP A 30 -29.53 22.14 49.59
N PRO A 31 -29.36 21.25 50.59
CA PRO A 31 -28.33 20.20 50.65
C PRO A 31 -28.68 19.03 49.74
N ARG A 32 -27.91 17.96 49.77
CA ARG A 32 -28.15 16.86 48.85
C ARG A 32 -29.47 16.19 49.16
N PRO A 33 -30.38 16.20 48.17
CA PRO A 33 -31.71 15.60 48.28
C PRO A 33 -31.59 14.11 48.54
N LYS A 34 -32.46 13.58 49.39
CA LYS A 34 -32.61 12.13 49.49
C LYS A 34 -33.63 11.73 48.43
N ILE A 35 -33.44 10.55 47.87
CA ILE A 35 -34.37 10.02 46.88
C ILE A 35 -35.18 8.81 47.36
N VAL A 36 -36.47 8.82 47.05
CA VAL A 36 -37.37 7.75 47.46
C VAL A 36 -38.20 7.29 46.25
N TRP A 37 -38.38 5.98 46.12
CA TRP A 37 -39.17 5.38 45.05
C TRP A 37 -40.56 4.97 45.55
N ASN A 38 -41.60 5.54 44.94
CA ASN A 38 -42.98 5.26 45.31
C ASN A 38 -43.89 4.55 44.31
N LYS A 39 -44.73 3.64 44.82
CA LYS A 39 -45.90 3.14 44.11
C LYS A 39 -47.10 3.69 44.85
N LYS A 40 -47.83 4.56 44.17
CA LYS A 40 -48.94 5.32 44.76
C LYS A 40 -48.55 6.00 46.08
N GLY A 41 -47.74 7.05 45.97
CA GLY A 41 -47.27 7.81 47.13
C GLY A 41 -46.51 7.14 48.26
N LYS A 42 -46.60 5.82 48.36
CA LYS A 42 -46.00 5.05 49.45
C LYS A 42 -44.61 4.47 49.12
N LYS A 43 -43.61 4.94 49.84
CA LYS A 43 -42.25 4.37 49.81
C LYS A 43 -42.15 2.84 49.77
N VAL A 44 -42.33 2.27 48.57
CA VAL A 44 -42.35 0.81 48.42
C VAL A 44 -40.95 0.24 48.57
N SER A 45 -40.93 -0.98 49.06
CA SER A 45 -39.76 -1.82 49.26
C SER A 45 -40.26 -3.23 49.04
N ASN A 46 -39.47 -4.05 48.38
CA ASN A 46 -39.92 -5.33 47.86
C ASN A 46 -38.70 -6.04 47.30
N GLN A 47 -38.61 -7.32 47.64
CA GLN A 47 -37.45 -8.17 47.39
C GLN A 47 -37.25 -8.32 45.90
N ARG A 48 -38.32 -8.10 45.14
CA ARG A 48 -38.25 -8.22 43.70
C ARG A 48 -37.84 -6.85 43.13
N PHE A 49 -37.92 -5.83 43.98
CA PHE A 49 -37.52 -4.45 43.69
C PHE A 49 -36.15 -4.07 44.31
N GLU A 50 -35.12 -3.75 43.51
CA GLU A 50 -33.86 -3.33 44.16
C GLU A 50 -33.44 -1.89 43.82
N VAL A 51 -33.09 -1.10 44.85
CA VAL A 51 -32.61 0.27 44.69
C VAL A 51 -31.09 0.45 44.78
N ILE A 52 -30.48 0.92 43.69
CA ILE A 52 -29.02 1.10 43.60
C ILE A 52 -28.60 2.58 43.53
N GLU A 53 -27.61 2.96 44.33
CA GLU A 53 -27.17 4.37 44.41
C GLU A 53 -25.91 4.64 43.59
N PHE A 54 -25.86 5.84 43.00
CA PHE A 54 -24.69 6.38 42.33
C PHE A 54 -23.60 6.69 43.35
N ASP A 55 -22.33 6.48 42.98
CA ASP A 55 -21.22 6.68 43.91
C ASP A 55 -21.20 8.10 44.41
N ASP A 56 -21.71 9.02 43.59
CA ASP A 56 -21.75 10.41 43.98
C ASP A 56 -23.11 10.61 44.64
N GLY A 57 -23.18 11.43 45.67
CA GLY A 57 -24.42 11.70 46.38
C GLY A 57 -25.63 12.15 45.57
N SER A 58 -25.60 11.91 44.26
CA SER A 58 -26.70 12.24 43.35
C SER A 58 -27.97 11.44 43.59
N GLY A 59 -28.38 10.68 42.58
CA GLY A 59 -29.61 9.88 42.65
C GLY A 59 -29.42 8.38 42.70
N SER A 60 -30.44 7.65 42.25
CA SER A 60 -30.46 6.19 42.39
C SER A 60 -31.23 5.52 41.23
N VAL A 61 -31.06 4.21 41.09
CA VAL A 61 -31.79 3.41 40.10
C VAL A 61 -32.71 2.38 40.74
N LEU A 62 -33.96 2.31 40.26
CA LEU A 62 -34.86 1.21 40.63
C LEU A 62 -34.93 0.06 39.61
N ARG A 63 -34.44 -1.11 40.03
CA ARG A 63 -34.39 -2.29 39.16
C ARG A 63 -35.37 -3.40 39.59
N ILE A 64 -36.21 -3.85 38.67
CA ILE A 64 -37.18 -4.92 38.95
C ILE A 64 -36.90 -6.20 38.16
N GLN A 65 -36.36 -7.22 38.81
CA GLN A 65 -35.99 -8.45 38.11
C GLN A 65 -36.16 -9.69 39.00
N PRO A 66 -36.85 -10.73 38.48
CA PRO A 66 -37.48 -10.80 37.16
C PRO A 66 -38.87 -10.19 37.15
N LEU A 67 -39.22 -9.58 36.01
CA LEU A 67 -40.53 -8.98 35.85
C LEU A 67 -41.63 -10.02 35.95
N ARG A 68 -42.70 -9.60 36.62
CA ARG A 68 -43.88 -10.43 36.77
C ARG A 68 -45.05 -9.61 36.21
N THR A 69 -45.83 -10.23 35.34
CA THR A 69 -47.05 -9.64 34.78
C THR A 69 -48.34 -10.35 35.22
N PRO A 70 -49.42 -9.58 35.45
CA PRO A 70 -49.58 -8.12 35.40
C PRO A 70 -49.51 -7.40 36.75
N ARG A 71 -48.94 -8.04 37.76
CA ARG A 71 -48.76 -7.45 39.08
C ARG A 71 -48.03 -6.11 39.02
N ASP A 72 -46.87 -6.11 38.35
CA ASP A 72 -45.93 -4.99 38.42
C ASP A 72 -46.53 -3.83 37.67
N GLU A 73 -47.37 -4.18 36.70
CA GLU A 73 -48.08 -3.24 35.86
C GLU A 73 -48.86 -2.25 36.72
N ALA A 74 -48.26 -1.08 36.92
CA ALA A 74 -48.78 -0.09 37.85
C ALA A 74 -48.16 1.26 37.54
N ILE A 75 -48.71 2.31 38.15
CA ILE A 75 -48.13 3.64 38.05
C ILE A 75 -47.16 3.93 39.19
N TYR A 76 -45.89 4.13 38.88
CA TYR A 76 -44.88 4.42 39.90
C TYR A 76 -44.47 5.90 39.87
N GLU A 77 -43.69 6.31 40.88
CA GLU A 77 -43.15 7.67 40.92
C GLU A 77 -41.82 7.81 41.64
N CYS A 78 -41.02 8.78 41.19
CA CYS A 78 -39.75 9.11 41.84
C CYS A 78 -39.95 10.38 42.67
N VAL A 79 -39.54 10.38 43.94
CA VAL A 79 -39.56 11.59 44.76
C VAL A 79 -38.21 12.00 45.39
N ALA A 80 -37.71 13.18 45.04
CA ALA A 80 -36.50 13.72 45.66
C ALA A 80 -36.84 14.85 46.65
N SER A 81 -36.29 14.80 47.86
CA SER A 81 -36.70 15.74 48.90
C SER A 81 -35.62 16.11 49.92
N ASN A 82 -35.49 17.39 50.20
CA ASN A 82 -34.69 17.86 51.33
C ASN A 82 -35.45 18.93 52.13
N ASN A 83 -34.91 19.35 53.27
CA ASN A 83 -35.59 20.31 54.14
C ASN A 83 -35.60 21.73 53.58
N VAL A 84 -35.47 21.85 52.25
CA VAL A 84 -35.49 23.14 51.56
C VAL A 84 -36.55 23.12 50.45
N GLY A 85 -37.06 21.93 50.15
CA GLY A 85 -38.02 21.78 49.08
C GLY A 85 -38.23 20.32 48.73
N GLU A 86 -39.12 20.07 47.77
CA GLU A 86 -39.50 18.71 47.45
C GLU A 86 -39.87 18.65 45.99
N ILE A 87 -39.43 17.59 45.32
CA ILE A 87 -39.79 17.35 43.94
C ILE A 87 -40.16 15.89 43.74
N SER A 88 -41.04 15.67 42.76
CA SER A 88 -41.48 14.33 42.39
C SER A 88 -41.67 14.20 40.87
N VAL A 89 -41.53 13.00 40.32
CA VAL A 89 -41.81 12.84 38.89
C VAL A 89 -42.56 11.52 38.65
N SER A 90 -43.54 11.54 37.76
CA SER A 90 -44.32 10.34 37.47
C SER A 90 -43.88 9.65 36.18
N THR A 91 -44.12 8.36 36.11
CA THR A 91 -43.75 7.54 34.94
C THR A 91 -44.54 6.23 34.98
N ARG A 92 -44.76 5.63 33.82
CA ARG A 92 -45.59 4.43 33.74
C ARG A 92 -44.79 3.18 33.37
N LEU A 93 -45.17 2.04 33.95
CA LEU A 93 -44.54 0.74 33.69
C LEU A 93 -45.51 -0.31 33.14
N THR A 94 -45.16 -0.93 32.02
CA THR A 94 -45.94 -2.02 31.45
C THR A 94 -45.09 -3.31 31.30
N VAL A 95 -45.67 -4.46 31.68
CA VAL A 95 -45.00 -5.76 31.52
C VAL A 95 -45.80 -6.76 30.67
N LEU A 96 -45.13 -7.42 29.74
CA LEU A 96 -45.76 -8.42 28.87
C LEU A 96 -45.35 -9.88 29.14
N ARG A 97 -46.23 -10.78 28.73
CA ARG A 97 -46.04 -12.23 28.64
C ARG A 97 -45.57 -12.59 27.23
N GLU A 98 -44.77 -13.64 27.08
CA GLU A 98 -44.26 -13.95 25.74
C GLU A 98 -45.28 -14.55 24.76
N ASP A 99 -46.40 -15.06 25.26
CA ASP A 99 -47.62 -15.35 24.45
C ASP A 99 -48.24 -14.22 23.60
N GLN A 100 -47.69 -13.01 23.67
CA GLN A 100 -48.24 -11.86 22.96
C GLN A 100 -47.12 -10.82 22.79
N ILE A 101 -45.92 -11.34 22.52
CA ILE A 101 -44.79 -10.50 22.17
C ILE A 101 -45.03 -10.13 20.73
N PRO A 102 -45.15 -8.83 20.47
CA PRO A 102 -45.48 -8.31 19.13
C PRO A 102 -44.49 -8.76 18.08
N ARG A 103 -44.96 -8.90 16.85
CA ARG A 103 -44.05 -9.09 15.75
C ARG A 103 -43.24 -7.80 15.69
N GLY A 104 -41.92 -7.95 15.68
CA GLY A 104 -41.03 -6.81 15.57
C GLY A 104 -40.64 -6.34 16.96
N PHE A 105 -40.39 -7.28 17.87
CA PHE A 105 -40.00 -6.94 19.24
C PHE A 105 -38.55 -7.35 19.50
N PRO A 106 -37.81 -6.53 20.26
CA PRO A 106 -36.38 -6.86 20.32
C PRO A 106 -36.12 -8.24 20.93
N THR A 107 -35.13 -8.95 20.38
CA THR A 107 -34.70 -10.23 20.91
C THR A 107 -33.17 -10.25 21.00
N ILE A 108 -32.59 -10.83 22.05
CA ILE A 108 -31.14 -10.94 22.06
C ILE A 108 -30.74 -12.24 21.34
N ASP A 109 -29.96 -12.10 20.29
CA ASP A 109 -29.46 -13.23 19.51
C ASP A 109 -28.10 -13.70 20.02
N MET A 110 -27.38 -12.75 20.60
CA MET A 110 -26.11 -12.99 21.28
C MET A 110 -25.71 -11.81 22.15
N GLY A 111 -25.27 -12.10 23.36
CA GLY A 111 -25.03 -11.05 24.32
C GLY A 111 -23.54 -11.00 24.61
N PRO A 112 -23.09 -9.93 25.27
CA PRO A 112 -21.68 -9.69 25.62
C PRO A 112 -21.04 -10.85 26.35
N GLN A 113 -19.74 -11.04 26.19
CA GLN A 113 -19.10 -12.16 26.86
C GLN A 113 -17.97 -11.63 27.73
N LEU A 114 -17.54 -12.46 28.68
CA LEU A 114 -16.49 -12.09 29.62
C LEU A 114 -15.22 -11.72 28.86
N LYS A 115 -14.68 -10.54 29.12
CA LYS A 115 -13.51 -10.08 28.39
C LYS A 115 -12.45 -9.60 29.37
N VAL A 116 -11.20 -9.85 29.05
CA VAL A 116 -10.10 -9.51 29.94
C VAL A 116 -9.04 -8.73 29.17
N VAL A 117 -9.04 -7.43 29.42
CA VAL A 117 -8.14 -6.46 28.81
C VAL A 117 -7.19 -6.02 29.89
N GLU A 118 -6.00 -5.55 29.53
CA GLU A 118 -5.15 -5.03 30.55
C GLU A 118 -5.35 -3.55 30.67
N ARG A 119 -4.88 -3.01 31.79
CA ARG A 119 -5.13 -1.63 32.15
C ARG A 119 -4.45 -0.80 31.06
N THR A 120 -5.08 0.30 30.65
CA THR A 120 -4.52 1.19 29.62
C THR A 120 -4.44 0.52 28.24
N ARG A 121 -5.37 -0.38 27.95
CA ARG A 121 -5.47 -1.01 26.63
C ARG A 121 -6.91 -0.88 26.16
N THR A 122 -7.13 -0.92 24.85
CA THR A 122 -8.47 -0.69 24.33
C THR A 122 -9.31 -1.96 24.41
N ALA A 123 -10.37 -1.91 25.20
CA ALA A 123 -11.34 -3.00 25.31
C ALA A 123 -12.63 -2.74 24.53
N THR A 124 -13.15 -3.77 23.88
CA THR A 124 -14.38 -3.66 23.09
C THR A 124 -15.41 -4.70 23.56
N MET A 125 -16.62 -4.26 23.87
CA MET A 125 -17.71 -5.21 24.15
C MET A 125 -18.69 -5.32 22.99
N LEU A 126 -19.19 -6.53 22.77
CA LEU A 126 -20.01 -6.83 21.60
C LEU A 126 -21.42 -7.23 21.98
N CYS A 127 -22.37 -7.00 21.07
CA CYS A 127 -23.76 -7.35 21.29
C CYS A 127 -24.52 -7.65 20.00
N ALA A 128 -25.58 -8.44 20.12
CA ALA A 128 -26.47 -8.67 18.99
C ALA A 128 -27.95 -8.67 19.37
N ALA A 129 -28.72 -7.77 18.77
CA ALA A 129 -30.14 -7.68 19.04
C ALA A 129 -30.83 -7.38 17.72
N SER A 130 -32.06 -7.86 17.55
CA SER A 130 -32.86 -7.51 16.38
C SER A 130 -34.26 -7.06 16.76
N GLY A 131 -34.98 -6.51 15.79
CA GLY A 131 -36.34 -6.06 16.02
C GLY A 131 -36.86 -5.23 14.86
N ASN A 132 -38.18 -5.06 14.79
CA ASN A 132 -38.78 -4.19 13.80
C ASN A 132 -39.85 -3.29 14.46
N PRO A 133 -39.61 -1.97 14.53
CA PRO A 133 -38.50 -1.14 14.05
C PRO A 133 -37.16 -1.45 14.73
N ASP A 134 -36.09 -0.87 14.18
CA ASP A 134 -34.73 -1.17 14.62
C ASP A 134 -34.51 -0.78 16.09
N PRO A 135 -33.88 -1.68 16.87
CA PRO A 135 -33.67 -1.49 18.31
C PRO A 135 -32.59 -0.45 18.67
N GLU A 136 -32.81 0.27 19.77
CA GLU A 136 -31.81 1.15 20.36
C GLU A 136 -30.99 0.43 21.43
N ILE A 137 -29.66 0.56 21.38
CA ILE A 137 -28.80 -0.11 22.34
C ILE A 137 -28.21 0.79 23.43
N THR A 138 -28.33 0.37 24.68
CA THR A 138 -27.81 1.17 25.78
C THR A 138 -27.04 0.27 26.73
N TRP A 139 -26.31 0.85 27.69
CA TRP A 139 -25.46 0.05 28.57
C TRP A 139 -25.63 0.35 30.06
N PHE A 140 -25.43 -0.68 30.86
CA PHE A 140 -25.41 -0.55 32.32
C PHE A 140 -24.15 -1.17 32.95
N LYS A 141 -23.53 -0.46 33.88
CA LYS A 141 -22.39 -1.05 34.60
C LYS A 141 -22.73 -1.05 36.08
N ASP A 142 -22.52 -2.19 36.72
CA ASP A 142 -22.91 -2.41 38.11
C ASP A 142 -24.29 -1.86 38.41
N PHE A 143 -25.22 -2.05 37.47
CA PHE A 143 -26.64 -1.68 37.61
C PHE A 143 -26.88 -0.21 37.25
N LEU A 144 -25.81 0.59 37.27
CA LEU A 144 -25.89 2.00 36.86
C LEU A 144 -25.68 2.29 35.37
N PRO A 145 -26.37 3.33 34.87
CA PRO A 145 -26.36 3.83 33.48
C PRO A 145 -25.04 4.53 33.14
N VAL A 146 -24.47 4.25 31.98
CA VAL A 146 -23.20 4.86 31.58
C VAL A 146 -23.40 6.28 31.01
N ASP A 147 -24.02 6.40 29.85
CA ASP A 147 -24.20 7.69 29.15
C ASP A 147 -22.87 8.44 28.89
N THR A 148 -22.49 8.53 27.62
CA THR A 148 -21.29 9.28 27.23
C THR A 148 -21.62 10.50 26.36
N SER A 149 -22.02 11.57 27.04
CA SER A 149 -22.56 12.79 26.43
C SER A 149 -21.70 13.46 25.35
N ASN A 150 -20.42 13.66 25.64
CA ASN A 150 -19.46 14.22 24.70
C ASN A 150 -18.95 13.34 23.55
N ASN A 151 -19.44 12.11 23.43
CA ASN A 151 -19.01 11.14 22.41
C ASN A 151 -17.51 11.09 22.03
N ASN A 152 -16.70 11.92 22.69
CA ASN A 152 -15.26 11.96 22.46
C ASN A 152 -14.49 12.15 23.75
N GLY A 153 -13.59 11.21 24.03
CA GLY A 153 -13.19 10.90 25.39
C GLY A 153 -12.62 9.49 25.47
N ARG A 154 -12.21 9.09 26.66
CA ARG A 154 -11.74 7.73 26.90
C ARG A 154 -12.82 6.70 26.52
N ILE A 155 -14.09 7.02 26.78
CA ILE A 155 -15.16 6.03 26.65
C ILE A 155 -16.13 6.46 25.53
N LYS A 156 -16.18 5.67 24.45
CA LYS A 156 -17.01 5.98 23.27
C LYS A 156 -17.89 4.81 22.79
N GLN A 157 -19.00 5.14 22.13
CA GLN A 157 -19.97 4.18 21.56
C GLN A 157 -19.89 3.94 20.04
N LEU A 158 -19.67 2.67 19.67
CA LEU A 158 -19.73 2.19 18.28
C LEU A 158 -21.11 1.71 17.80
N ARG A 159 -21.43 1.99 16.54
CA ARG A 159 -22.66 1.56 15.90
C ARG A 159 -22.57 0.89 14.53
N SER A 160 -23.29 -0.23 14.43
CA SER A 160 -23.42 -1.04 13.22
C SER A 160 -24.02 -0.30 12.06
N GLU A 161 -23.74 -0.72 10.83
CA GLU A 161 -24.48 -0.14 9.73
C GLU A 161 -25.60 -1.07 9.26
N SER A 162 -26.83 -0.56 9.34
CA SER A 162 -28.01 -1.38 9.21
C SER A 162 -28.09 -1.69 7.71
N ILE A 163 -27.48 -2.77 7.24
CA ILE A 163 -28.00 -3.36 6.00
C ILE A 163 -29.35 -4.01 6.23
N GLY A 164 -30.19 -3.92 5.20
CA GLY A 164 -31.58 -4.31 5.26
C GLY A 164 -31.82 -5.81 5.32
N GLY A 165 -31.77 -6.40 6.52
CA GLY A 165 -31.65 -7.84 6.59
C GLY A 165 -30.98 -8.47 7.80
N THR A 166 -30.01 -7.80 8.41
CA THR A 166 -29.26 -8.47 9.47
C THR A 166 -29.67 -7.96 10.86
N PRO A 167 -29.26 -8.65 11.94
CA PRO A 167 -29.38 -8.14 13.31
C PRO A 167 -28.59 -6.84 13.50
N ILE A 168 -29.04 -5.95 14.38
CA ILE A 168 -28.22 -4.80 14.70
C ILE A 168 -27.03 -5.18 15.58
N ARG A 169 -25.85 -4.72 15.16
CA ARG A 169 -24.60 -4.96 15.86
C ARG A 169 -24.42 -3.73 16.73
N GLY A 170 -23.65 -3.84 17.79
CA GLY A 170 -23.49 -2.72 18.70
C GLY A 170 -22.35 -2.99 19.65
N ALA A 171 -21.57 -1.95 19.93
CA ALA A 171 -20.46 -2.13 20.84
C ALA A 171 -20.15 -0.93 21.72
N LEU A 172 -19.36 -1.20 22.76
CA LEU A 172 -18.89 -0.20 23.71
C LEU A 172 -17.35 -0.15 23.72
N GLN A 173 -16.77 0.97 23.32
CA GLN A 173 -15.32 1.05 23.19
C GLN A 173 -14.68 1.93 24.29
N ILE A 174 -13.76 1.33 25.05
CA ILE A 174 -13.11 1.92 26.24
C ILE A 174 -11.62 2.15 26.03
N GLU A 175 -11.20 3.37 25.68
CA GLU A 175 -9.78 3.57 25.48
C GLU A 175 -9.13 3.62 26.85
N GLN A 176 -7.90 3.13 26.96
CA GLN A 176 -7.13 3.24 28.20
C GLN A 176 -7.89 2.68 29.42
N SER A 177 -8.19 1.39 29.43
CA SER A 177 -9.01 0.79 30.49
C SER A 177 -8.36 0.91 31.87
N GLU A 178 -9.17 1.32 32.86
CA GLU A 178 -8.73 1.40 34.25
C GLU A 178 -9.59 0.54 35.18
N GLU A 179 -9.03 0.22 36.34
CA GLU A 179 -9.67 -0.62 37.35
C GLU A 179 -11.07 -0.14 37.77
N SER A 180 -11.33 1.16 37.67
CA SER A 180 -12.68 1.66 37.94
C SER A 180 -13.70 1.07 36.97
N ASP A 181 -13.21 0.68 35.79
CA ASP A 181 -14.03 0.10 34.74
C ASP A 181 -14.42 -1.34 35.08
N GLN A 182 -13.67 -1.98 35.98
CA GLN A 182 -14.04 -3.31 36.47
C GLN A 182 -15.46 -3.35 37.00
N GLY A 183 -16.12 -4.50 36.89
CA GLY A 183 -17.50 -4.64 37.31
C GLY A 183 -18.36 -5.51 36.43
N LYS A 184 -19.67 -5.47 36.70
CA LYS A 184 -20.63 -6.38 36.08
C LYS A 184 -21.51 -5.63 35.07
N TYR A 185 -21.25 -5.83 33.77
CA TYR A 185 -21.95 -5.10 32.72
C TYR A 185 -23.15 -5.80 32.07
N GLU A 186 -24.20 -5.05 31.79
CA GLU A 186 -25.35 -5.57 31.06
C GLU A 186 -25.87 -4.52 30.07
N CYS A 187 -26.26 -4.98 28.89
CA CYS A 187 -26.76 -4.14 27.79
C CYS A 187 -28.28 -4.21 27.61
N VAL A 188 -28.86 -3.23 26.92
CA VAL A 188 -30.31 -3.02 26.91
C VAL A 188 -30.82 -2.62 25.53
N ALA A 189 -31.80 -3.35 25.01
CA ALA A 189 -32.33 -3.06 23.67
C ALA A 189 -33.77 -2.53 23.74
N THR A 190 -33.99 -1.34 23.19
CA THR A 190 -35.28 -0.65 23.27
C THR A 190 -35.81 -0.30 21.87
N ASN A 191 -37.13 -0.27 21.72
CA ASN A 191 -37.77 0.39 20.58
C ASN A 191 -39.20 0.75 20.96
N SER A 192 -40.01 1.14 19.99
CA SER A 192 -41.35 1.63 20.29
C SER A 192 -42.27 0.53 20.81
N ALA A 193 -41.83 -0.72 20.69
CA ALA A 193 -42.61 -1.84 21.21
C ALA A 193 -42.28 -2.20 22.67
N GLY A 194 -41.04 -1.98 23.08
CA GLY A 194 -40.62 -2.40 24.41
C GLY A 194 -39.12 -2.59 24.60
N THR A 195 -38.75 -3.23 25.71
CA THR A 195 -37.37 -3.29 26.15
C THR A 195 -37.00 -4.73 26.52
N ARG A 196 -35.78 -5.14 26.14
CA ARG A 196 -35.25 -6.45 26.50
C ARG A 196 -33.79 -6.38 26.91
N TYR A 197 -33.44 -7.12 27.96
CA TYR A 197 -32.06 -7.19 28.43
C TYR A 197 -31.35 -8.44 27.94
N SER A 198 -30.05 -8.31 27.71
CA SER A 198 -29.19 -9.44 27.41
C SER A 198 -28.83 -10.05 28.75
N ALA A 199 -27.97 -11.07 28.76
CA ALA A 199 -27.54 -11.61 30.03
C ALA A 199 -26.31 -10.85 30.50
N PRO A 200 -26.07 -10.83 31.81
CA PRO A 200 -24.91 -10.12 32.35
C PRO A 200 -23.56 -10.71 31.92
N ALA A 201 -22.62 -9.84 31.58
CA ALA A 201 -21.24 -10.24 31.36
C ALA A 201 -20.32 -9.38 32.23
N ASN A 202 -19.44 -10.03 33.00
CA ASN A 202 -18.47 -9.30 33.79
C ASN A 202 -17.32 -8.83 32.90
N LEU A 203 -16.73 -7.69 33.22
CA LEU A 203 -15.46 -7.27 32.63
C LEU A 203 -14.31 -7.37 33.63
N TYR A 204 -13.21 -8.00 33.20
CA TYR A 204 -12.04 -8.03 34.06
C TYR A 204 -10.93 -7.12 33.48
N VAL A 205 -10.06 -6.58 34.35
CA VAL A 205 -8.97 -5.66 33.98
C VAL A 205 -7.57 -6.00 34.53
N ARG A 206 -6.59 -6.37 33.72
CA ARG A 206 -5.32 -6.72 34.36
C ARG A 206 -4.26 -5.62 34.23
N GLU A 207 -3.25 -5.70 35.09
CA GLU A 207 -2.21 -4.69 35.20
C GLU A 207 -1.35 -4.48 33.93
N LEU A 208 -0.71 -5.55 33.48
CA LEU A 208 0.13 -5.52 32.27
C LEU A 208 0.06 -6.81 31.45
N ARG A 209 0.38 -6.70 30.16
CA ARG A 209 0.61 -7.88 29.33
C ARG A 209 2.00 -8.42 29.62
N GLU A 210 2.14 -9.73 29.49
CA GLU A 210 3.44 -10.38 29.58
C GLU A 210 4.38 -9.66 28.61
N VAL A 211 3.99 -9.65 27.34
CA VAL A 211 4.58 -8.79 26.31
C VAL A 211 3.46 -8.38 25.35
N ARG A 212 3.50 -7.17 24.81
CA ARG A 212 2.50 -6.75 23.83
C ARG A 212 2.92 -7.10 22.40
N ARG A 213 2.04 -6.79 21.45
CA ARG A 213 2.27 -7.11 20.04
C ARG A 213 3.38 -6.24 19.46
N VAL A 214 3.95 -6.69 18.33
CA VAL A 214 5.05 -5.98 17.69
C VAL A 214 4.59 -5.39 16.35
N PRO A 215 4.79 -4.07 16.17
CA PRO A 215 4.42 -3.56 14.84
C PRO A 215 5.36 -4.07 13.75
N PRO A 216 4.91 -4.07 12.48
CA PRO A 216 5.73 -4.65 11.42
C PRO A 216 7.00 -3.81 11.17
N ARG A 217 8.12 -4.45 10.83
CA ARG A 217 9.36 -3.71 10.61
C ARG A 217 10.22 -4.47 9.61
N PHE A 218 10.98 -3.75 8.80
CA PHE A 218 11.84 -4.39 7.81
C PHE A 218 13.17 -4.98 8.26
N SER A 219 13.24 -6.31 8.15
CA SER A 219 14.41 -7.10 8.43
C SER A 219 15.42 -6.98 7.28
N ILE A 220 14.88 -7.03 6.06
CA ILE A 220 15.63 -6.89 4.81
C ILE A 220 14.96 -5.93 3.82
N PRO A 221 15.27 -4.63 3.94
CA PRO A 221 14.77 -3.61 3.01
C PRO A 221 15.11 -3.90 1.54
N PRO A 222 14.45 -3.20 0.59
CA PRO A 222 14.56 -3.46 -0.85
C PRO A 222 15.57 -2.54 -1.55
N THR A 223 16.65 -3.11 -2.10
CA THR A 223 17.80 -2.30 -2.46
C THR A 223 17.91 -1.88 -3.94
N ASN A 224 18.30 -0.62 -4.16
CA ASN A 224 18.19 -0.01 -5.47
C ASN A 224 19.09 -0.77 -6.45
N HIS A 225 18.88 -0.54 -7.74
CA HIS A 225 19.65 -1.18 -8.81
C HIS A 225 19.85 -0.35 -10.06
N GLU A 226 20.94 -0.70 -10.76
CA GLU A 226 21.12 -0.35 -12.14
C GLU A 226 21.33 -1.70 -12.79
N ILE A 227 20.64 -1.90 -13.91
CA ILE A 227 20.82 -3.05 -14.77
C ILE A 227 20.65 -2.69 -16.25
N MET A 228 21.25 -3.50 -17.10
CA MET A 228 21.14 -3.39 -18.55
C MET A 228 19.71 -3.61 -19.05
N PRO A 229 19.37 -3.04 -20.22
CA PRO A 229 17.99 -3.10 -20.70
C PRO A 229 17.59 -4.54 -21.03
N GLY A 230 16.82 -5.15 -20.12
CA GLY A 230 16.48 -6.55 -20.21
C GLY A 230 17.60 -7.45 -19.72
N GLY A 231 17.86 -7.40 -18.42
CA GLY A 231 18.78 -8.30 -17.76
C GLY A 231 18.01 -9.02 -16.67
N SER A 232 18.68 -9.70 -15.75
CA SER A 232 17.92 -10.31 -14.65
C SER A 232 18.49 -9.96 -13.29
N VAL A 233 17.62 -10.03 -12.29
CA VAL A 233 17.93 -9.60 -10.93
C VAL A 233 16.94 -10.22 -9.95
N ASN A 234 17.43 -10.71 -8.82
CA ASN A 234 16.56 -11.26 -7.78
C ASN A 234 16.46 -10.28 -6.61
N ILE A 235 15.28 -9.64 -6.45
CA ILE A 235 15.13 -8.71 -5.33
C ILE A 235 14.30 -9.28 -4.19
N THR A 236 14.93 -9.33 -3.02
CA THR A 236 14.38 -9.97 -1.84
C THR A 236 13.81 -8.99 -0.82
N CYS A 237 12.62 -9.24 -0.31
CA CYS A 237 12.10 -8.37 0.75
C CYS A 237 11.69 -9.29 1.88
N VAL A 238 12.07 -8.94 3.12
CA VAL A 238 11.71 -9.76 4.27
C VAL A 238 11.23 -8.79 5.34
N ALA A 239 10.05 -9.07 5.90
CA ALA A 239 9.51 -8.29 7.02
C ALA A 239 9.31 -9.15 8.25
N VAL A 240 9.42 -8.55 9.44
CA VAL A 240 9.14 -9.27 10.67
C VAL A 240 8.42 -8.41 11.72
N GLY A 241 7.95 -9.08 12.77
CA GLY A 241 7.17 -8.45 13.83
C GLY A 241 6.21 -9.49 14.37
N SER A 242 5.39 -9.10 15.35
CA SER A 242 4.36 -9.98 15.87
C SER A 242 3.00 -9.26 15.89
N PRO A 243 2.01 -9.79 15.13
CA PRO A 243 2.19 -11.01 14.33
C PRO A 243 3.00 -10.71 13.07
N MET A 244 3.46 -11.74 12.37
CA MET A 244 4.35 -11.49 11.26
C MET A 244 3.52 -10.85 10.15
N PRO A 245 4.13 -9.95 9.38
CA PRO A 245 3.25 -9.29 8.42
C PRO A 245 3.36 -9.99 7.08
N TYR A 246 2.43 -9.68 6.19
CA TYR A 246 2.51 -10.18 4.82
C TYR A 246 3.39 -9.25 4.00
N VAL A 247 3.97 -9.78 2.93
CA VAL A 247 4.69 -8.90 2.02
C VAL A 247 4.25 -9.08 0.59
N LYS A 248 3.65 -7.99 0.11
CA LYS A 248 3.17 -7.81 -1.23
C LYS A 248 4.09 -6.78 -1.87
N TRP A 249 4.39 -6.96 -3.14
CA TRP A 249 5.23 -5.99 -3.82
C TRP A 249 4.27 -5.02 -4.50
N MET A 250 4.72 -3.80 -4.78
CA MET A 250 3.81 -2.77 -5.30
C MET A 250 4.49 -1.75 -6.22
N LEU A 251 3.83 -1.47 -7.33
CA LEU A 251 4.23 -0.43 -8.27
C LEU A 251 3.56 0.92 -7.99
N GLY A 252 3.71 1.42 -6.75
CA GLY A 252 3.08 2.66 -6.35
C GLY A 252 1.65 2.49 -5.86
N ALA A 253 0.70 2.35 -6.79
CA ALA A 253 -0.68 2.22 -6.38
C ALA A 253 -1.09 0.75 -6.51
N GLU A 254 -1.10 0.24 -7.73
CA GLU A 254 -1.43 -1.15 -7.95
C GLU A 254 -0.55 -2.14 -7.17
N ASP A 255 -1.17 -3.23 -6.72
CA ASP A 255 -0.57 -4.29 -5.93
C ASP A 255 -0.02 -5.30 -6.94
N LEU A 256 1.15 -5.86 -6.69
CA LEU A 256 1.77 -6.78 -7.64
C LEU A 256 1.55 -8.24 -7.30
N THR A 257 1.44 -8.57 -6.01
CA THR A 257 0.98 -9.91 -5.68
C THR A 257 -0.54 -9.94 -5.53
N PRO A 258 -1.19 -10.90 -6.20
CA PRO A 258 -2.64 -11.08 -6.30
C PRO A 258 -3.25 -11.47 -4.96
N GLU A 259 -4.34 -10.79 -4.60
CA GLU A 259 -4.89 -10.80 -3.25
C GLU A 259 -5.24 -12.22 -2.82
N ASP A 260 -5.90 -12.98 -3.70
CA ASP A 260 -6.35 -14.31 -3.32
C ASP A 260 -5.18 -15.25 -3.01
N ASP A 261 -3.95 -14.78 -3.22
CA ASP A 261 -2.74 -15.52 -2.83
C ASP A 261 -1.55 -14.61 -2.49
N MET A 262 -1.32 -14.33 -1.20
CA MET A 262 -0.36 -13.28 -0.85
C MET A 262 0.61 -13.84 0.19
N PRO A 263 1.91 -13.93 -0.17
CA PRO A 263 2.84 -14.68 0.68
C PRO A 263 3.09 -14.06 2.06
N ILE A 264 3.70 -14.83 2.95
CA ILE A 264 3.94 -14.36 4.31
C ILE A 264 5.38 -14.09 4.72
N GLY A 265 5.75 -12.83 4.92
CA GLY A 265 7.06 -12.49 5.46
C GLY A 265 8.26 -12.47 4.54
N ARG A 266 8.21 -13.24 3.47
CA ARG A 266 9.39 -13.42 2.61
C ARG A 266 9.06 -13.53 1.13
N ASN A 267 8.97 -12.39 0.45
CA ASN A 267 8.72 -12.40 -0.99
C ASN A 267 9.95 -11.90 -1.76
N VAL A 268 10.44 -12.73 -2.69
CA VAL A 268 11.62 -12.38 -3.48
C VAL A 268 11.25 -12.21 -4.96
N LEU A 269 11.51 -11.02 -5.48
CA LEU A 269 11.08 -10.61 -6.83
C LEU A 269 12.04 -10.96 -7.96
N GLU A 270 11.55 -11.74 -8.94
CA GLU A 270 12.32 -12.10 -10.13
C GLU A 270 11.96 -11.21 -11.34
N LEU A 271 12.92 -10.39 -11.80
CA LEU A 271 12.74 -9.48 -12.94
C LEU A 271 13.31 -9.94 -14.29
N ASN A 272 12.54 -9.70 -15.36
CA ASN A 272 12.94 -10.05 -16.74
C ASN A 272 13.50 -9.02 -17.75
N ASP A 273 12.62 -8.18 -18.29
CA ASP A 273 12.98 -7.15 -19.27
C ASP A 273 12.83 -5.66 -18.95
N VAL A 274 13.59 -5.08 -18.03
CA VAL A 274 13.39 -3.64 -17.87
C VAL A 274 13.90 -2.97 -19.16
N ARG A 275 13.02 -2.22 -19.77
CA ARG A 275 13.19 -1.44 -21.00
C ARG A 275 13.20 -0.11 -20.35
N GLN A 276 12.01 0.38 -20.00
CA GLN A 276 11.82 1.66 -19.34
C GLN A 276 12.13 1.57 -17.81
N SER A 277 12.51 2.67 -17.17
CA SER A 277 12.65 2.81 -15.69
C SER A 277 11.37 2.72 -14.88
N ALA A 278 11.47 2.32 -13.61
CA ALA A 278 10.27 2.22 -12.75
C ALA A 278 10.62 2.33 -11.26
N ASN A 279 9.57 2.48 -10.44
CA ASN A 279 9.64 2.50 -8.97
C ASN A 279 8.93 1.36 -8.21
N TYR A 280 9.68 0.51 -7.48
CA TYR A 280 9.05 -0.62 -6.80
C TYR A 280 8.92 -0.53 -5.27
N THR A 281 7.67 -0.59 -4.79
CA THR A 281 7.35 -0.53 -3.35
C THR A 281 7.17 -1.91 -2.72
N CYS A 282 7.63 -2.08 -1.48
CA CYS A 282 7.45 -3.35 -0.78
C CYS A 282 6.69 -3.07 0.52
N VAL A 283 5.43 -3.49 0.58
CA VAL A 283 4.62 -3.25 1.77
C VAL A 283 4.53 -4.44 2.72
N ALA A 284 4.62 -4.13 4.01
CA ALA A 284 4.43 -5.14 5.04
C ALA A 284 3.33 -4.61 5.95
N MET A 285 2.38 -5.46 6.30
CA MET A 285 1.33 -5.03 7.21
C MET A 285 0.97 -6.08 8.25
N SER A 286 1.10 -5.73 9.52
CA SER A 286 0.44 -6.48 10.56
C SER A 286 -0.77 -5.69 11.02
N THR A 287 -1.29 -6.05 12.19
CA THR A 287 -2.43 -5.39 12.81
C THR A 287 -1.97 -4.17 13.61
N LEU A 288 -0.67 -3.94 13.63
CA LEU A 288 -0.09 -2.81 14.36
C LEU A 288 0.56 -1.85 13.39
N GLY A 289 -0.19 -1.51 12.34
CA GLY A 289 0.21 -0.55 11.33
C GLY A 289 0.76 -1.11 10.03
N VAL A 290 0.79 -0.23 9.03
CA VAL A 290 1.29 -0.59 7.71
C VAL A 290 2.66 0.07 7.51
N ILE A 291 3.68 -0.68 7.07
CA ILE A 291 4.94 -0.02 6.72
C ILE A 291 5.31 -0.15 5.25
N GLU A 292 6.08 0.82 4.76
CA GLU A 292 6.52 0.87 3.37
C GLU A 292 8.01 1.11 3.21
N ALA A 293 8.51 0.87 2.00
CA ALA A 293 9.91 1.02 1.65
C ALA A 293 10.04 0.77 0.15
N ILE A 294 10.68 1.68 -0.57
CA ILE A 294 10.67 1.62 -2.03
C ILE A 294 12.03 1.19 -2.61
N ALA A 295 12.03 0.57 -3.79
CA ALA A 295 13.28 0.39 -4.51
C ALA A 295 13.19 1.07 -5.87
N GLN A 296 14.25 1.77 -6.27
CA GLN A 296 14.32 2.37 -7.60
C GLN A 296 15.05 1.43 -8.54
N ILE A 297 14.38 0.93 -9.58
CA ILE A 297 15.07 0.15 -10.60
C ILE A 297 15.14 1.00 -11.86
N THR A 298 16.36 1.33 -12.27
CA THR A 298 16.57 2.13 -13.47
C THR A 298 17.63 1.49 -14.35
N VAL A 299 17.42 1.57 -15.66
CA VAL A 299 18.47 1.31 -16.65
C VAL A 299 19.03 2.53 -17.39
N LYS A 300 20.36 2.69 -17.35
CA LYS A 300 21.03 3.71 -18.14
C LYS A 300 21.49 3.10 -19.45
N ALA A 301 21.82 3.96 -20.41
CA ALA A 301 22.32 3.49 -21.69
C ALA A 301 23.52 4.31 -22.16
N LEU A 302 23.73 5.49 -21.57
CA LEU A 302 24.92 6.28 -21.91
C LEU A 302 25.27 7.45 -21.00
N PRO A 303 26.57 7.76 -20.88
CA PRO A 303 27.11 8.88 -20.10
C PRO A 303 26.54 10.16 -20.70
N LYS A 304 26.36 11.24 -19.94
CA LYS A 304 26.11 12.49 -20.65
C LYS A 304 27.40 13.06 -21.23
N PRO A 305 27.28 14.01 -22.16
CA PRO A 305 28.42 14.69 -22.79
C PRO A 305 29.20 15.53 -21.79
N PRO A 306 30.53 15.56 -21.90
CA PRO A 306 31.25 16.44 -20.98
C PRO A 306 30.86 17.91 -21.16
N GLY A 307 31.23 18.74 -20.20
CA GLY A 307 31.06 20.17 -20.30
C GLY A 307 32.39 20.87 -20.15
N THR A 308 32.48 22.08 -20.70
CA THR A 308 33.64 22.96 -20.61
C THR A 308 34.89 22.57 -21.39
N PRO A 309 34.75 22.07 -22.64
CA PRO A 309 35.99 21.68 -23.32
C PRO A 309 36.83 22.93 -23.57
N VAL A 310 37.63 23.31 -22.57
CA VAL A 310 38.45 24.52 -22.61
C VAL A 310 39.97 24.27 -22.49
N VAL A 311 40.70 24.96 -23.37
CA VAL A 311 42.16 25.01 -23.49
C VAL A 311 42.91 25.94 -22.51
N THR A 312 43.80 25.36 -21.70
CA THR A 312 44.54 26.09 -20.66
C THR A 312 46.01 26.23 -21.05
N GLU A 313 46.42 25.48 -22.07
CA GLU A 313 47.76 25.57 -22.66
C GLU A 313 47.61 25.18 -24.13
N SER A 314 48.39 25.84 -24.98
CA SER A 314 48.49 25.55 -26.41
C SER A 314 49.87 25.76 -27.01
N THR A 315 50.24 24.95 -28.00
CA THR A 315 51.43 25.24 -28.76
C THR A 315 51.07 25.25 -30.24
N ALA A 316 52.03 25.49 -31.12
CA ALA A 316 51.76 25.43 -32.56
C ALA A 316 51.32 24.07 -33.13
N THR A 317 51.64 22.98 -32.46
CA THR A 317 51.37 21.66 -33.01
C THR A 317 50.69 20.77 -31.99
N SER A 318 50.30 21.37 -30.88
CA SER A 318 49.58 20.65 -29.85
C SER A 318 48.62 21.62 -29.18
N ILE A 319 47.59 21.07 -28.55
CA ILE A 319 46.65 21.84 -27.73
C ILE A 319 46.33 21.10 -26.44
N THR A 320 46.42 21.76 -25.29
CA THR A 320 46.10 21.04 -24.08
C THR A 320 44.68 21.45 -23.71
N LEU A 321 43.83 20.43 -23.57
CA LEU A 321 42.41 20.60 -23.31
C LEU A 321 42.06 20.17 -21.90
N THR A 322 41.09 20.86 -21.31
CA THR A 322 40.47 20.39 -20.07
C THR A 322 38.96 20.42 -20.13
N TRP A 323 38.31 19.50 -19.41
CA TRP A 323 36.85 19.49 -19.41
C TRP A 323 36.44 18.98 -18.04
N ASP A 324 35.25 19.35 -17.59
CA ASP A 324 34.62 18.75 -16.43
C ASP A 324 33.97 17.44 -16.93
N SER A 325 33.91 16.42 -16.08
CA SER A 325 33.35 15.14 -16.53
C SER A 325 31.90 15.28 -17.00
N GLY A 326 31.21 16.26 -16.42
CA GLY A 326 29.79 16.48 -16.66
C GLY A 326 28.82 15.43 -16.17
N ASN A 327 29.32 14.40 -15.49
CA ASN A 327 28.45 13.27 -15.16
C ASN A 327 28.42 12.91 -13.67
N PRO A 328 27.21 12.63 -13.17
CA PRO A 328 26.87 12.19 -11.81
C PRO A 328 27.38 10.77 -11.54
N GLU A 329 27.29 9.91 -12.56
CA GLU A 329 27.67 8.50 -12.47
C GLU A 329 29.07 8.11 -13.01
N PRO A 330 29.54 6.89 -12.65
CA PRO A 330 30.84 6.27 -12.99
C PRO A 330 30.99 5.98 -14.49
N VAL A 331 31.80 6.77 -15.17
CA VAL A 331 32.10 6.57 -16.55
C VAL A 331 33.47 5.88 -16.58
N SER A 332 33.77 5.00 -17.53
CA SER A 332 35.09 4.34 -17.59
C SER A 332 36.22 5.24 -18.14
N TYR A 333 35.92 5.98 -19.20
CA TYR A 333 36.92 6.81 -19.89
C TYR A 333 36.24 7.65 -20.95
N TYR A 334 36.99 8.51 -21.64
CA TYR A 334 36.36 9.36 -22.61
C TYR A 334 37.02 9.14 -23.97
N ILE A 335 36.36 9.56 -25.05
CA ILE A 335 36.92 9.54 -26.39
C ILE A 335 36.78 10.90 -27.11
N ILE A 336 37.85 11.44 -27.68
CA ILE A 336 37.71 12.70 -28.40
C ILE A 336 37.62 12.60 -29.94
N GLN A 337 36.58 13.17 -30.56
CA GLN A 337 36.55 13.27 -32.03
C GLN A 337 36.97 14.66 -32.55
N HIS A 338 37.83 14.70 -33.56
CA HIS A 338 38.28 15.98 -34.14
C HIS A 338 38.57 15.91 -35.66
N LYS A 339 38.29 16.99 -36.37
CA LYS A 339 38.64 17.14 -37.80
C LYS A 339 38.66 18.65 -38.04
N PRO A 340 39.30 19.11 -39.14
CA PRO A 340 39.17 20.54 -39.46
C PRO A 340 37.83 21.20 -39.74
N LYS A 341 37.78 22.43 -39.24
CA LYS A 341 36.60 23.28 -39.28
C LYS A 341 36.10 23.40 -40.72
N ASN A 342 34.82 23.16 -40.89
CA ASN A 342 34.11 23.08 -42.17
C ASN A 342 34.47 21.84 -43.00
N SER A 343 35.10 20.85 -42.37
CA SER A 343 35.37 19.61 -43.07
C SER A 343 34.11 18.78 -42.99
N GLU A 344 33.83 18.05 -44.06
CA GLU A 344 32.65 17.21 -44.16
C GLU A 344 33.13 15.77 -44.14
N GLU A 345 34.44 15.58 -43.98
CA GLU A 345 34.99 14.23 -43.89
C GLU A 345 34.79 13.67 -42.48
N PRO A 346 34.87 12.34 -42.32
CA PRO A 346 34.66 11.92 -40.93
C PRO A 346 35.69 12.39 -39.90
N TYR A 347 35.20 12.63 -38.69
CA TYR A 347 35.98 12.97 -37.50
C TYR A 347 37.02 11.86 -37.19
N LYS A 348 38.20 12.21 -36.69
CA LYS A 348 39.06 11.20 -36.05
C LYS A 348 38.65 10.88 -34.62
N GLU A 349 38.99 9.72 -34.10
CA GLU A 349 38.51 9.32 -32.80
C GLU A 349 39.75 8.91 -32.00
N ILE A 350 39.86 9.42 -30.77
CA ILE A 350 40.86 9.04 -29.76
C ILE A 350 40.38 8.20 -28.57
N ASP A 351 40.83 6.96 -28.43
CA ASP A 351 40.29 6.12 -27.37
C ASP A 351 41.01 6.28 -26.02
N GLY A 352 40.29 5.92 -24.96
CA GLY A 352 40.86 5.72 -23.63
C GLY A 352 41.44 6.85 -22.79
N ILE A 353 40.75 7.98 -22.65
CA ILE A 353 41.28 9.04 -21.78
C ILE A 353 40.62 8.90 -20.41
N ALA A 354 41.43 8.55 -19.41
CA ALA A 354 40.91 8.17 -18.10
C ALA A 354 40.82 9.37 -17.17
N THR A 355 41.00 10.57 -17.71
CA THR A 355 40.90 11.78 -16.89
C THR A 355 40.11 12.90 -17.55
N THR A 356 39.97 13.99 -16.80
CA THR A 356 39.23 15.16 -17.26
C THR A 356 40.17 16.24 -17.80
N ARG A 357 41.39 15.85 -18.16
CA ARG A 357 42.32 16.77 -18.81
C ARG A 357 43.15 15.97 -19.80
N TYR A 358 43.41 16.55 -20.98
CA TYR A 358 44.16 15.83 -22.00
C TYR A 358 44.85 16.73 -23.04
N SER A 359 46.08 16.36 -23.39
CA SER A 359 46.86 17.05 -24.43
C SER A 359 46.81 16.31 -25.78
N VAL A 360 46.23 16.93 -26.80
CA VAL A 360 46.23 16.35 -28.15
C VAL A 360 47.48 16.68 -28.99
N ALA A 361 48.28 15.67 -29.30
CA ALA A 361 49.53 15.86 -30.03
C ALA A 361 49.45 15.33 -31.46
N GLY A 362 50.55 15.45 -32.20
CA GLY A 362 50.62 15.02 -33.59
C GLY A 362 49.79 15.82 -34.56
N LEU A 363 49.52 17.07 -34.21
CA LEU A 363 48.73 17.96 -35.05
C LEU A 363 49.65 18.72 -36.00
N SER A 364 49.09 19.45 -36.97
CA SER A 364 49.96 20.16 -37.88
C SER A 364 49.98 21.59 -37.40
N PRO A 365 51.12 22.27 -37.54
CA PRO A 365 51.14 23.65 -37.07
C PRO A 365 50.11 24.54 -37.78
N TYR A 366 49.61 25.57 -37.09
CA TYR A 366 48.73 26.61 -37.64
C TYR A 366 47.63 25.96 -38.46
N SER A 367 46.95 24.97 -37.89
CA SER A 367 45.94 24.25 -38.67
C SER A 367 44.64 24.19 -37.89
N ASP A 368 43.54 24.28 -38.63
CA ASP A 368 42.24 24.32 -38.00
C ASP A 368 41.58 22.96 -37.76
N TYR A 369 41.09 22.80 -36.54
CA TYR A 369 40.43 21.61 -36.02
C TYR A 369 39.16 21.98 -35.25
N GLU A 370 38.18 21.09 -35.33
CA GLU A 370 36.90 21.22 -34.62
C GLU A 370 36.80 20.10 -33.60
N PHE A 371 36.37 20.41 -32.38
CA PHE A 371 36.30 19.39 -31.34
C PHE A 371 34.97 19.28 -30.62
N ARG A 372 34.60 18.05 -30.30
CA ARG A 372 33.55 17.78 -29.32
C ARG A 372 34.07 16.66 -28.41
N VAL A 373 33.51 16.48 -27.22
CA VAL A 373 33.94 15.33 -26.41
C VAL A 373 32.73 14.45 -26.05
N VAL A 374 32.92 13.13 -26.10
CA VAL A 374 31.91 12.15 -25.72
C VAL A 374 32.45 11.26 -24.59
N ALA A 375 31.63 10.92 -23.60
CA ALA A 375 32.11 9.98 -22.59
C ALA A 375 31.63 8.58 -22.92
N VAL A 376 32.47 7.58 -22.66
CA VAL A 376 32.08 6.19 -22.86
C VAL A 376 32.30 5.30 -21.64
N ASN A 377 31.30 4.52 -21.27
CA ASN A 377 31.48 3.45 -20.28
C ASN A 377 31.00 2.17 -21.00
N ASN A 378 30.83 1.08 -20.28
CA ASN A 378 30.46 -0.20 -20.90
C ASN A 378 29.11 -0.33 -21.63
N ILE A 379 28.31 0.72 -21.73
CA ILE A 379 27.06 0.60 -22.50
C ILE A 379 27.16 1.16 -23.92
N GLY A 380 27.75 2.34 -24.08
CA GLY A 380 27.88 2.95 -25.39
C GLY A 380 28.28 4.41 -25.36
N ARG A 381 28.71 4.92 -26.52
CA ARG A 381 29.07 6.32 -26.67
C ARG A 381 27.86 7.24 -26.58
N GLY A 382 27.95 8.21 -25.68
CA GLY A 382 26.92 9.20 -25.48
C GLY A 382 27.05 10.31 -26.50
N PRO A 383 26.16 11.31 -26.42
CA PRO A 383 26.21 12.49 -27.28
C PRO A 383 27.45 13.33 -27.01
N ALA A 384 27.86 14.04 -28.05
CA ALA A 384 29.02 14.92 -28.01
C ALA A 384 28.76 16.12 -27.12
N SER A 385 29.84 16.63 -26.54
CA SER A 385 29.80 17.90 -25.81
C SER A 385 29.36 18.97 -26.80
N GLU A 386 29.08 20.18 -26.33
CA GLU A 386 28.89 21.23 -27.30
C GLU A 386 30.19 21.47 -27.99
N PRO A 387 30.14 21.89 -29.26
CA PRO A 387 31.48 21.87 -29.85
C PRO A 387 32.29 23.11 -29.52
N VAL A 388 33.61 23.03 -29.69
CA VAL A 388 34.48 24.20 -29.62
C VAL A 388 35.39 24.40 -30.85
N LEU A 389 35.48 25.62 -31.36
CA LEU A 389 36.43 25.90 -32.44
C LEU A 389 37.62 26.67 -31.87
N THR A 390 38.83 26.35 -32.36
CA THR A 390 40.04 27.01 -31.87
C THR A 390 41.16 26.89 -32.91
N GLN A 391 41.83 28.01 -33.16
CA GLN A 391 42.86 28.03 -34.19
C GLN A 391 44.21 27.86 -33.52
N THR A 392 45.03 26.97 -34.05
CA THR A 392 46.39 26.79 -33.57
C THR A 392 47.32 27.95 -33.93
N SER A 393 47.40 28.90 -33.01
CA SER A 393 48.19 30.10 -33.21
C SER A 393 49.69 29.84 -33.24
N GLU A 394 50.31 30.00 -34.41
CA GLU A 394 51.76 29.89 -34.48
C GLU A 394 52.41 31.21 -34.12
N GLN A 395 53.31 31.08 -33.16
CA GLN A 395 54.25 32.10 -32.73
C GLN A 395 55.37 32.66 -33.63
N ALA A 396 55.58 32.12 -34.83
CA ALA A 396 56.38 32.80 -35.87
C ALA A 396 56.45 32.01 -37.16
N PRO A 397 56.64 32.71 -38.30
CA PRO A 397 56.87 31.90 -39.51
C PRO A 397 58.05 30.93 -39.35
N SER A 398 57.97 29.76 -39.98
CA SER A 398 59.03 28.76 -39.92
C SER A 398 59.71 28.50 -41.26
N SER A 399 59.48 29.39 -42.23
CA SER A 399 60.18 29.31 -43.50
C SER A 399 60.41 30.70 -44.06
N ALA A 400 61.41 30.83 -44.94
CA ALA A 400 61.74 32.13 -45.48
C ALA A 400 60.66 32.44 -46.50
N PRO A 401 60.43 33.72 -46.80
CA PRO A 401 59.59 34.06 -47.95
C PRO A 401 60.06 33.40 -49.24
N ARG A 402 59.08 33.07 -50.08
CA ARG A 402 59.30 32.33 -51.31
C ARG A 402 59.24 33.33 -52.43
N ASP A 403 59.84 32.95 -53.55
CA ASP A 403 59.79 33.71 -54.79
C ASP A 403 60.21 35.14 -54.54
N VAL A 404 61.33 35.34 -53.85
CA VAL A 404 61.69 36.71 -53.66
C VAL A 404 62.18 37.05 -55.05
N GLN A 405 61.62 38.07 -55.67
CA GLN A 405 62.01 38.44 -57.02
C GLN A 405 62.10 39.95 -57.17
N ALA A 406 62.98 40.42 -58.04
CA ALA A 406 63.02 41.85 -58.30
C ALA A 406 63.28 42.21 -59.76
N ARG A 407 62.66 43.27 -60.23
CA ARG A 407 63.00 43.77 -61.56
C ARG A 407 62.99 45.28 -61.49
N MET A 408 63.82 45.87 -62.33
CA MET A 408 63.97 47.31 -62.51
C MET A 408 62.80 48.12 -63.08
N LEU A 409 62.51 49.28 -62.51
CA LEU A 409 61.60 50.23 -63.18
C LEU A 409 62.33 51.45 -63.81
N SER A 410 62.50 52.54 -63.06
CA SER A 410 63.27 53.69 -63.60
C SER A 410 64.75 53.77 -63.14
N SER A 411 65.47 54.83 -63.51
CA SER A 411 66.86 55.01 -63.06
C SER A 411 67.22 55.29 -61.58
N THR A 412 66.26 55.66 -60.76
CA THR A 412 66.54 56.04 -59.37
C THR A 412 65.62 55.22 -58.48
N THR A 413 64.85 54.36 -59.14
CA THR A 413 63.83 53.56 -58.49
C THR A 413 63.74 52.15 -59.04
N ILE A 414 63.48 51.21 -58.15
CA ILE A 414 63.35 49.82 -58.53
C ILE A 414 61.98 49.37 -58.05
N LEU A 415 61.50 48.27 -58.62
CA LEU A 415 60.24 47.70 -58.18
C LEU A 415 60.49 46.34 -57.55
N VAL A 416 60.08 46.16 -56.31
CA VAL A 416 60.28 44.87 -55.69
C VAL A 416 58.92 44.24 -55.45
N GLN A 417 58.79 42.98 -55.81
CA GLN A 417 57.58 42.24 -55.56
C GLN A 417 57.91 40.80 -55.21
N TRP A 418 56.97 40.10 -54.59
CA TRP A 418 57.24 38.75 -54.13
C TRP A 418 55.92 38.01 -53.91
N LYS A 419 56.01 36.72 -53.62
CA LYS A 419 54.83 35.97 -53.24
C LYS A 419 54.92 35.40 -51.83
N GLU A 420 53.75 35.16 -51.26
CA GLU A 420 53.60 34.64 -49.91
C GLU A 420 54.35 33.31 -49.69
N PRO A 421 54.94 33.16 -48.50
CA PRO A 421 55.60 31.98 -47.92
C PRO A 421 54.71 30.74 -47.90
N GLU A 422 55.34 29.58 -48.06
CA GLU A 422 54.67 28.28 -48.04
C GLU A 422 54.23 27.99 -46.62
N GLU A 423 54.86 28.72 -45.71
CA GLU A 423 54.64 28.62 -44.28
C GLU A 423 54.28 30.03 -43.82
N PRO A 424 53.07 30.55 -44.20
CA PRO A 424 52.77 31.93 -43.80
C PRO A 424 52.67 31.97 -42.29
N ASN A 425 52.18 30.86 -41.74
CA ASN A 425 52.06 30.69 -40.30
C ASN A 425 51.26 31.59 -39.33
N GLY A 426 50.27 32.32 -39.83
CA GLY A 426 49.56 33.24 -38.97
C GLY A 426 48.93 34.29 -39.84
N GLN A 427 48.26 35.26 -39.24
CA GLN A 427 47.81 36.34 -40.11
C GLN A 427 49.12 37.05 -40.37
N ILE A 428 49.43 37.24 -41.65
CA ILE A 428 50.63 37.96 -42.03
C ILE A 428 50.40 39.41 -41.64
N GLN A 429 51.25 39.91 -40.76
CA GLN A 429 51.11 41.27 -40.28
C GLN A 429 51.87 42.21 -41.18
N GLY A 430 52.85 41.67 -41.91
CA GLY A 430 53.56 42.46 -42.89
C GLY A 430 54.76 41.77 -43.50
N TYR A 431 55.56 42.54 -44.25
CA TYR A 431 56.78 42.01 -44.84
C TYR A 431 57.88 43.00 -44.56
N ARG A 432 59.12 42.54 -44.54
CA ARG A 432 60.25 43.45 -44.36
C ARG A 432 61.41 43.51 -45.37
N VAL A 433 61.65 44.73 -45.89
CA VAL A 433 62.69 45.04 -46.88
C VAL A 433 63.89 45.69 -46.18
N TYR A 434 65.08 45.09 -46.26
CA TYR A 434 66.27 45.65 -45.61
C TYR A 434 67.14 46.28 -46.69
N TYR A 435 66.74 47.46 -47.15
CA TYR A 435 67.44 48.18 -48.22
C TYR A 435 68.45 49.12 -47.60
N THR A 436 69.54 49.39 -48.32
CA THR A 436 70.60 50.23 -47.80
C THR A 436 71.46 50.70 -48.96
N MET A 437 72.23 51.76 -48.72
CA MET A 437 73.24 52.22 -49.65
C MET A 437 74.62 51.65 -49.40
N ASP A 438 74.83 51.09 -48.22
CA ASP A 438 76.14 50.59 -47.81
C ASP A 438 76.07 49.12 -47.39
N PRO A 439 76.37 48.21 -48.33
CA PRO A 439 76.30 46.76 -48.08
C PRO A 439 77.46 46.21 -47.26
N THR A 440 77.88 46.92 -46.21
CA THR A 440 78.90 46.38 -45.30
C THR A 440 78.61 46.66 -43.82
N GLN A 441 77.65 47.54 -43.56
CA GLN A 441 77.17 47.88 -42.22
C GLN A 441 76.45 46.75 -41.45
N HIS A 442 76.51 46.86 -40.12
CA HIS A 442 75.65 46.09 -39.23
C HIS A 442 74.19 46.42 -39.58
N VAL A 443 73.31 45.43 -39.47
CA VAL A 443 71.91 45.58 -39.90
C VAL A 443 71.04 46.68 -39.27
N ASN A 444 71.25 47.05 -38.01
CA ASN A 444 70.43 48.12 -37.43
C ASN A 444 70.71 49.50 -38.05
N ASN A 445 71.85 49.58 -38.74
CA ASN A 445 72.30 50.72 -39.55
C ASN A 445 72.14 50.69 -41.07
N TRP A 446 71.52 49.66 -41.64
CA TRP A 446 71.26 49.71 -43.09
C TRP A 446 70.21 50.62 -43.73
N MET A 447 68.95 50.57 -43.29
CA MET A 447 67.80 51.47 -43.62
C MET A 447 66.61 50.56 -43.48
N LYS A 448 65.44 51.11 -43.21
CA LYS A 448 64.29 50.28 -42.87
C LYS A 448 63.07 50.70 -43.66
N HIS A 449 62.30 49.67 -44.01
CA HIS A 449 61.09 49.81 -44.80
C HIS A 449 60.00 48.97 -44.14
N ASN A 450 58.83 48.88 -44.76
CA ASN A 450 57.74 48.08 -44.25
C ASN A 450 56.64 47.81 -45.27
N VAL A 451 56.07 46.62 -45.19
CA VAL A 451 54.99 46.25 -46.08
C VAL A 451 54.00 45.65 -45.09
N ALA A 452 52.71 45.74 -45.39
CA ALA A 452 51.70 45.06 -44.59
C ALA A 452 50.79 44.23 -45.45
N ASP A 453 51.26 43.02 -45.78
CA ASP A 453 50.47 42.05 -46.53
C ASP A 453 50.05 42.66 -47.87
N SER A 454 51.03 43.13 -48.64
CA SER A 454 50.76 43.77 -49.93
C SER A 454 51.58 43.12 -51.05
N GLN A 455 52.37 42.12 -50.68
CA GLN A 455 53.28 41.39 -51.57
C GLN A 455 54.18 42.22 -52.50
N ILE A 456 54.11 43.55 -52.43
CA ILE A 456 54.90 44.37 -53.36
C ILE A 456 55.21 45.76 -52.79
N THR A 457 56.43 46.24 -53.03
CA THR A 457 56.79 47.59 -52.63
C THR A 457 57.89 48.23 -53.50
N THR A 458 57.97 49.56 -53.47
CA THR A 458 59.02 50.30 -54.18
C THR A 458 60.01 50.95 -53.20
N ILE A 459 61.27 51.09 -53.61
CA ILE A 459 62.25 51.81 -52.80
C ILE A 459 62.95 52.83 -53.69
N GLY A 460 62.90 54.09 -53.27
CA GLY A 460 63.47 55.16 -54.05
C GLY A 460 64.68 55.81 -53.41
N ASN A 461 65.06 56.96 -53.97
CA ASN A 461 66.22 57.70 -53.52
C ASN A 461 67.47 56.86 -53.61
N LEU A 462 67.57 55.96 -54.58
CA LEU A 462 68.81 55.25 -54.57
C LEU A 462 69.64 56.16 -55.46
N VAL A 463 70.95 56.12 -55.31
CA VAL A 463 71.81 56.91 -56.18
C VAL A 463 72.31 56.00 -57.31
N PRO A 464 72.25 56.43 -58.57
CA PRO A 464 72.60 55.49 -59.63
C PRO A 464 74.07 55.00 -59.50
N GLN A 465 74.35 53.79 -59.97
CA GLN A 465 75.71 53.23 -60.01
C GLN A 465 76.36 52.98 -58.63
N LYS A 466 75.56 52.49 -57.68
CA LYS A 466 76.01 52.18 -56.33
C LYS A 466 75.53 50.75 -56.04
N THR A 467 76.26 49.97 -55.25
CA THR A 467 75.73 48.67 -54.81
C THR A 467 74.86 48.72 -53.54
N TYR A 468 73.58 48.38 -53.68
CA TYR A 468 72.67 48.17 -52.56
C TYR A 468 72.46 46.68 -52.22
N SER A 469 72.63 46.26 -50.97
CA SER A 469 72.27 44.88 -50.60
C SER A 469 70.83 44.74 -50.08
N VAL A 470 70.14 43.67 -50.47
CA VAL A 470 68.72 43.49 -50.09
C VAL A 470 68.42 42.08 -49.57
N LYS A 471 67.72 41.98 -48.43
CA LYS A 471 67.27 40.69 -47.88
C LYS A 471 65.79 40.79 -47.43
N VAL A 472 65.00 39.72 -47.52
CA VAL A 472 63.58 39.83 -47.12
C VAL A 472 63.10 38.69 -46.20
N LEU A 473 62.35 39.06 -45.15
CA LEU A 473 61.61 38.17 -44.25
C LEU A 473 60.10 38.43 -44.03
N ALA A 474 59.34 37.41 -43.60
CA ALA A 474 57.95 37.64 -43.15
C ALA A 474 57.86 37.58 -41.60
N PHE A 475 56.89 38.30 -41.03
CA PHE A 475 56.57 38.25 -39.59
C PHE A 475 55.07 38.09 -39.21
N THR A 476 54.78 37.39 -38.11
CA THR A 476 53.41 37.42 -37.57
C THR A 476 53.36 38.32 -36.34
N SER A 477 52.19 38.46 -35.71
CA SER A 477 52.11 39.21 -34.43
C SER A 477 52.93 38.74 -33.24
N ILE A 478 53.25 37.46 -33.18
CA ILE A 478 54.08 36.96 -32.08
C ILE A 478 55.53 37.38 -32.27
N GLY A 479 56.02 37.23 -33.50
CA GLY A 479 57.41 37.52 -33.83
C GLY A 479 57.85 37.13 -35.23
N ASP A 480 59.12 37.36 -35.50
CA ASP A 480 59.76 37.07 -36.79
C ASP A 480 60.14 35.66 -37.26
N GLY A 481 59.86 35.39 -38.54
CA GLY A 481 60.32 34.21 -39.25
C GLY A 481 61.70 34.41 -39.88
N PRO A 482 62.18 33.41 -40.65
CA PRO A 482 63.49 33.45 -41.34
C PRO A 482 63.65 34.41 -42.55
N LEU A 483 64.90 34.84 -42.73
CA LEU A 483 65.41 35.66 -43.85
C LEU A 483 65.78 34.94 -45.17
N SER A 484 65.46 35.57 -46.31
CA SER A 484 65.93 35.11 -47.63
C SER A 484 66.92 36.12 -48.23
N SER A 485 67.86 35.67 -49.06
CA SER A 485 68.76 36.58 -49.77
C SER A 485 69.24 36.11 -51.15
N ASP A 486 69.65 37.09 -51.97
CA ASP A 486 70.15 36.89 -53.34
C ASP A 486 70.29 38.22 -54.09
N ILE A 487 70.17 39.33 -53.36
CA ILE A 487 70.33 40.65 -53.99
C ILE A 487 71.45 41.59 -53.48
N GLN A 488 72.27 42.07 -54.42
CA GLN A 488 73.14 43.23 -54.22
C GLN A 488 73.13 44.11 -55.50
N VAL A 489 72.01 44.01 -56.22
CA VAL A 489 71.60 44.78 -57.41
C VAL A 489 72.11 46.24 -57.57
N ILE A 490 72.41 46.61 -58.82
CA ILE A 490 73.02 47.87 -59.25
C ILE A 490 71.89 48.58 -60.02
N THR A 491 71.69 49.85 -59.70
CA THR A 491 70.61 50.74 -60.18
C THR A 491 70.56 51.51 -61.53
N GLN A 492 70.36 50.79 -62.63
CA GLN A 492 70.39 51.44 -63.95
C GLN A 492 69.07 51.17 -64.69
N THR A 493 69.06 50.57 -65.89
CA THR A 493 67.78 50.26 -66.56
C THR A 493 67.08 48.92 -66.20
N GLY A 494 65.91 48.71 -66.82
CA GLY A 494 65.05 47.55 -66.56
C GLY A 494 65.60 46.19 -66.94
N VAL A 495 65.20 45.13 -66.23
CA VAL A 495 65.73 43.81 -66.59
C VAL A 495 64.69 42.67 -66.71
N PRO A 496 64.95 41.70 -67.61
CA PRO A 496 64.13 40.51 -67.91
C PRO A 496 64.12 39.46 -66.80
N GLY A 497 63.13 38.57 -66.83
CA GLY A 497 63.01 37.51 -65.84
C GLY A 497 63.54 36.17 -66.32
N GLN A 498 64.40 35.55 -65.48
CA GLN A 498 65.02 34.24 -65.76
C GLN A 498 64.09 33.24 -66.44
N PRO A 499 64.63 32.40 -67.33
CA PRO A 499 63.70 31.46 -67.97
C PRO A 499 63.15 30.38 -67.04
N LEU A 500 62.13 29.68 -67.51
CA LEU A 500 61.49 28.60 -66.77
C LEU A 500 61.74 27.28 -67.50
N ASN A 501 61.23 26.17 -66.98
CA ASN A 501 61.41 24.85 -67.59
C ASN A 501 62.82 24.66 -68.13
N PHE A 502 63.79 24.92 -67.27
CA PHE A 502 65.20 24.82 -67.63
C PHE A 502 65.75 23.41 -67.35
N LYS A 503 66.19 22.73 -68.41
CA LYS A 503 66.76 21.38 -68.29
C LYS A 503 67.90 21.13 -69.29
N ALA A 504 68.86 20.30 -68.91
CA ALA A 504 70.01 19.96 -69.75
C ALA A 504 70.19 18.47 -70.01
N GLU A 505 70.37 18.08 -71.28
CA GLU A 505 70.56 16.68 -71.59
C GLU A 505 71.77 16.43 -72.51
N PRO A 506 72.57 15.40 -72.20
CA PRO A 506 73.78 14.99 -72.94
C PRO A 506 73.47 14.36 -74.31
N GLU A 507 73.43 15.15 -75.38
CA GLU A 507 73.15 14.62 -76.71
C GLU A 507 74.24 13.69 -77.25
N SER A 508 75.45 13.77 -76.67
CA SER A 508 76.57 12.94 -77.12
C SER A 508 77.71 12.91 -76.11
N GLU A 509 78.76 12.14 -76.41
CA GLU A 509 79.90 12.03 -75.51
C GLU A 509 80.72 13.32 -75.52
N THR A 510 80.67 14.07 -76.61
CA THR A 510 81.42 15.31 -76.66
C THR A 510 80.50 16.51 -76.91
N SER A 511 79.19 16.24 -76.96
CA SER A 511 78.21 17.31 -77.18
C SER A 511 77.03 17.18 -76.21
N ILE A 512 76.44 18.32 -75.84
CA ILE A 512 75.30 18.37 -74.91
C ILE A 512 74.27 19.43 -75.33
N LEU A 513 72.99 19.06 -75.30
CA LEU A 513 71.91 19.96 -75.68
C LEU A 513 71.18 20.62 -74.50
N LEU A 514 70.76 21.87 -74.70
CA LEU A 514 70.04 22.64 -73.67
C LEU A 514 68.67 23.20 -74.10
N SER A 515 67.65 22.93 -73.29
CA SER A 515 66.29 23.40 -73.57
C SER A 515 65.81 24.44 -72.53
N TRP A 516 65.53 25.66 -72.97
CA TRP A 516 65.06 26.73 -72.08
C TRP A 516 63.98 27.57 -72.75
N THR A 517 63.17 28.27 -71.95
CA THR A 517 62.11 29.11 -72.49
C THR A 517 62.35 30.60 -72.23
N PRO A 518 62.46 31.41 -73.30
CA PRO A 518 62.69 32.85 -73.17
C PRO A 518 61.47 33.59 -72.61
N PRO A 519 61.69 34.59 -71.73
CA PRO A 519 60.60 35.34 -71.13
C PRO A 519 59.86 36.27 -72.11
N ARG A 520 58.88 37.02 -71.61
CA ARG A 520 58.08 37.94 -72.41
C ARG A 520 58.91 38.97 -73.19
N SER A 521 59.91 39.55 -72.53
CA SER A 521 60.79 40.56 -73.14
C SER A 521 61.26 40.12 -74.53
N ASP A 522 60.76 40.78 -75.57
CA ASP A 522 61.13 40.44 -76.95
C ASP A 522 62.52 40.98 -77.25
N THR A 523 62.84 42.15 -76.71
CA THR A 523 64.15 42.75 -76.94
C THR A 523 65.17 41.96 -76.13
N ILE A 524 65.89 41.08 -76.81
CA ILE A 524 66.92 40.27 -76.16
C ILE A 524 68.20 40.25 -76.96
N ALA A 525 69.31 40.59 -76.31
CA ALA A 525 70.59 40.60 -76.99
C ALA A 525 71.15 39.19 -77.08
N SER A 526 71.22 38.52 -75.93
CA SER A 526 71.73 37.15 -75.81
C SER A 526 71.56 36.59 -74.41
N TYR A 527 71.98 35.35 -74.22
CA TYR A 527 71.92 34.64 -72.94
C TYR A 527 73.33 34.27 -72.47
N GLU A 528 73.52 34.21 -71.16
CA GLU A 528 74.82 33.91 -70.55
C GLU A 528 74.98 32.44 -70.13
N LEU A 529 76.03 31.81 -70.65
CA LEU A 529 76.35 30.39 -70.39
C LEU A 529 77.67 30.14 -69.62
N VAL A 530 77.60 30.13 -68.31
CA VAL A 530 78.76 29.89 -67.46
C VAL A 530 79.07 28.40 -67.37
N TYR A 531 80.08 27.88 -68.06
CA TYR A 531 80.31 26.44 -67.92
C TYR A 531 81.68 26.22 -67.30
N ARG A 532 81.82 25.15 -66.52
CA ARG A 532 83.10 24.85 -65.88
C ARG A 532 83.28 23.34 -65.75
N ASP A 533 84.46 22.84 -66.08
CA ASP A 533 84.73 21.41 -65.95
C ASP A 533 84.50 21.07 -64.47
N GLY A 534 83.37 20.45 -64.15
CA GLY A 534 83.06 20.10 -62.78
C GLY A 534 82.98 21.24 -61.77
N ASP A 535 83.58 21.05 -60.60
CA ASP A 535 83.57 22.05 -59.52
C ASP A 535 84.75 23.04 -59.42
N GLN A 536 85.96 22.57 -59.65
CA GLN A 536 87.17 23.42 -59.56
C GLN A 536 87.56 24.06 -60.90
N GLY A 537 86.57 24.37 -61.72
CA GLY A 537 86.85 24.97 -63.02
C GLY A 537 86.89 26.49 -63.05
N GLU A 538 87.15 27.01 -64.25
CA GLU A 538 87.24 28.44 -64.52
C GLU A 538 85.97 28.95 -65.16
N GLU A 539 85.51 30.10 -64.69
CA GLU A 539 84.28 30.72 -65.18
C GLU A 539 84.40 31.39 -66.55
N GLN A 540 84.17 30.59 -67.60
CA GLN A 540 84.24 31.05 -68.99
C GLN A 540 82.82 31.34 -69.52
N ARG A 541 82.69 32.35 -70.38
CA ARG A 541 81.38 32.72 -70.94
C ARG A 541 81.24 32.42 -72.45
N ILE A 542 80.06 31.95 -72.87
CA ILE A 542 79.83 31.65 -74.30
C ILE A 542 78.69 32.53 -74.87
N THR A 543 78.85 32.96 -76.12
CA THR A 543 77.87 33.80 -76.82
C THR A 543 76.70 33.06 -77.50
N ILE A 544 75.58 32.86 -76.82
CA ILE A 544 74.45 32.16 -77.45
C ILE A 544 73.43 33.07 -78.16
N GLU A 545 72.82 32.56 -79.22
CA GLU A 545 71.81 33.28 -80.00
C GLU A 545 70.40 33.33 -79.37
N PRO A 546 69.69 34.47 -79.54
CA PRO A 546 68.32 34.65 -79.02
C PRO A 546 67.28 33.81 -79.76
N GLY A 547 67.13 32.55 -79.39
CA GLY A 547 66.17 31.67 -80.03
C GLY A 547 65.43 30.86 -78.99
N THR A 548 65.37 29.55 -79.17
CA THR A 548 64.67 28.69 -78.21
C THR A 548 65.60 27.58 -77.69
N SER A 549 66.49 27.10 -78.54
CA SER A 549 67.43 26.04 -78.15
C SER A 549 68.80 26.26 -78.78
N TYR A 550 69.83 25.60 -78.26
CA TYR A 550 71.18 25.74 -78.80
C TYR A 550 72.00 24.46 -78.64
N ARG A 551 72.92 24.21 -79.57
CA ARG A 551 73.78 23.03 -79.54
C ARG A 551 75.24 23.33 -79.21
N LEU A 552 75.69 22.86 -78.06
CA LEU A 552 77.07 23.08 -77.63
C LEU A 552 77.93 21.86 -77.97
N GLN A 553 79.11 22.11 -78.52
CA GLN A 553 80.03 21.03 -78.90
C GLN A 553 81.42 21.31 -78.32
N GLY A 554 82.27 20.29 -78.30
CA GLY A 554 83.61 20.43 -77.78
C GLY A 554 83.71 20.18 -76.28
N LEU A 555 83.38 18.95 -75.88
CA LEU A 555 83.43 18.57 -74.48
C LEU A 555 84.14 17.22 -74.35
N LYS A 556 84.43 16.83 -73.12
CA LYS A 556 85.12 15.57 -72.84
C LYS A 556 84.10 14.50 -72.50
N PRO A 557 84.36 13.25 -72.92
CA PRO A 557 83.41 12.17 -72.61
C PRO A 557 83.34 11.83 -71.13
N ASN A 558 82.21 11.27 -70.71
CA ASN A 558 81.93 10.87 -69.32
C ASN A 558 82.49 11.82 -68.27
N SER A 559 82.18 13.11 -68.41
CA SER A 559 82.65 14.12 -67.46
C SER A 559 81.56 15.12 -67.08
N LEU A 560 81.56 15.51 -65.80
CA LEU A 560 80.60 16.46 -65.26
C LEU A 560 81.01 17.92 -65.42
N TYR A 561 80.06 18.77 -65.81
CA TYR A 561 80.36 20.20 -65.98
C TYR A 561 79.16 21.06 -65.56
N TYR A 562 79.38 21.90 -64.56
CA TYR A 562 78.33 22.79 -64.05
C TYR A 562 78.05 23.93 -65.03
N PHE A 563 76.84 24.48 -64.98
CA PHE A 563 76.42 25.58 -65.85
C PHE A 563 75.42 26.49 -65.13
N ARG A 564 75.48 27.79 -65.41
CA ARG A 564 74.60 28.76 -64.77
C ARG A 564 74.24 29.91 -65.72
N LEU A 565 72.93 30.01 -65.91
CA LEU A 565 72.25 30.98 -66.78
C LEU A 565 71.77 32.25 -66.09
N SER A 566 71.74 33.34 -66.84
CA SER A 566 71.29 34.65 -66.38
C SER A 566 70.99 35.47 -67.63
N ALA A 567 69.70 35.70 -67.87
CA ALA A 567 69.24 36.46 -69.04
C ALA A 567 69.97 37.78 -69.24
N ARG A 568 70.38 38.03 -70.48
CA ARG A 568 71.10 39.25 -70.83
C ARG A 568 70.33 40.13 -71.82
N SER A 569 69.96 41.32 -71.37
CA SER A 569 69.22 42.29 -72.16
C SER A 569 70.17 43.39 -72.64
N PRO A 570 69.86 44.05 -73.77
CA PRO A 570 70.78 45.10 -74.24
C PRO A 570 70.82 46.33 -73.34
N GLN A 571 70.01 46.35 -72.29
CA GLN A 571 69.99 47.46 -71.36
C GLN A 571 70.59 47.01 -70.02
N GLY A 572 70.51 45.70 -69.74
CA GLY A 572 71.06 45.13 -68.51
C GLY A 572 70.71 43.67 -68.23
N LEU A 573 71.61 43.00 -67.51
CA LEU A 573 71.48 41.58 -67.13
C LEU A 573 70.30 41.27 -66.20
N GLY A 574 69.76 40.05 -66.30
CA GLY A 574 68.64 39.62 -65.49
C GLY A 574 68.87 38.75 -64.25
N ALA A 575 68.02 37.73 -64.10
CA ALA A 575 68.07 36.79 -62.98
C ALA A 575 68.60 35.40 -63.39
N SER A 576 69.14 34.66 -62.43
CA SER A 576 69.68 33.33 -62.72
C SER A 576 68.82 32.13 -62.30
N THR A 577 68.72 31.15 -63.21
CA THR A 577 67.95 29.92 -62.99
C THR A 577 68.56 28.92 -61.98
N ALA A 578 67.82 27.85 -61.71
CA ALA A 578 68.22 26.78 -60.80
C ALA A 578 69.47 26.01 -61.23
N GLU A 579 70.35 25.70 -60.28
CA GLU A 579 71.59 24.97 -60.56
C GLU A 579 71.45 23.50 -61.01
N ILE A 580 71.65 23.27 -62.31
CA ILE A 580 71.57 21.94 -62.92
C ILE A 580 72.93 21.50 -63.44
N SER A 581 73.22 20.20 -63.45
CA SER A 581 74.50 19.72 -63.98
C SER A 581 74.24 18.55 -64.95
N ALA A 582 75.03 18.44 -66.01
CA ALA A 582 74.83 17.34 -66.96
C ALA A 582 76.10 16.52 -67.22
N ARG A 583 75.95 15.21 -67.35
CA ARG A 583 77.07 14.30 -67.58
C ARG A 583 77.24 13.86 -69.04
N THR A 584 78.44 14.03 -69.60
CA THR A 584 78.70 13.62 -70.98
C THR A 584 78.63 12.09 -71.05
N MET A 585 78.38 11.53 -72.23
CA MET A 585 78.30 10.08 -72.38
C MET A 585 79.62 9.41 -72.01
N CYS B 20 -7.09 -0.40 15.53
CA CYS B 20 -7.80 -1.37 14.71
C CYS B 20 -9.04 -1.85 15.48
N THR B 21 -10.22 -1.49 14.98
CA THR B 21 -11.51 -1.84 15.61
C THR B 21 -11.93 -3.32 15.56
N ASP B 22 -11.79 -4.00 16.70
CA ASP B 22 -12.04 -5.44 16.79
C ASP B 22 -13.51 -5.66 17.21
N TRP B 23 -14.22 -6.52 16.49
CA TRP B 23 -15.62 -6.82 16.77
C TRP B 23 -15.80 -8.11 17.57
N SER B 24 -14.69 -8.73 17.96
CA SER B 24 -14.67 -10.02 18.68
C SER B 24 -15.38 -11.12 17.89
N VAL B 25 -15.67 -12.24 18.55
CA VAL B 25 -16.33 -13.40 17.92
C VAL B 25 -17.72 -13.10 17.33
N ASP B 26 -17.95 -13.50 16.08
CA ASP B 26 -19.23 -13.27 15.41
C ASP B 26 -20.31 -14.25 15.90
N ILE B 27 -21.57 -13.82 15.82
CA ILE B 27 -22.72 -14.62 16.25
C ILE B 27 -22.76 -16.00 15.58
N LYS B 28 -22.61 -16.01 14.25
CA LYS B 28 -22.69 -17.24 13.48
C LYS B 28 -21.48 -18.12 13.70
N LYS B 29 -21.74 -19.29 14.29
CA LYS B 29 -20.71 -20.28 14.55
C LYS B 29 -20.68 -21.29 13.41
N TYR B 30 -19.54 -21.94 13.24
CA TYR B 30 -19.36 -22.99 12.24
C TYR B 30 -18.96 -24.27 12.98
N GLN B 31 -19.85 -25.25 12.99
CA GLN B 31 -19.51 -26.57 13.52
C GLN B 31 -19.74 -27.72 12.54
N VAL B 32 -18.85 -28.71 12.59
CA VAL B 32 -18.64 -29.64 11.48
C VAL B 32 -17.79 -30.84 11.88
N LEU B 33 -18.11 -31.99 11.28
CA LEU B 33 -17.53 -33.28 11.64
C LEU B 33 -16.18 -33.51 10.97
N VAL B 34 -15.19 -33.96 11.73
CA VAL B 34 -13.85 -34.16 11.17
C VAL B 34 -13.89 -34.98 9.87
N GLY B 35 -13.78 -34.30 8.74
CA GLY B 35 -13.65 -34.97 7.46
C GLY B 35 -14.60 -34.48 6.39
N GLU B 36 -15.39 -33.46 6.69
CA GLU B 36 -16.24 -32.85 5.67
C GLU B 36 -15.76 -31.46 5.27
N PRO B 37 -16.03 -31.06 4.03
CA PRO B 37 -15.68 -29.74 3.50
C PRO B 37 -16.41 -28.62 4.24
N VAL B 38 -15.78 -27.48 4.41
CA VAL B 38 -16.40 -26.31 5.04
C VAL B 38 -15.94 -25.01 4.43
N ARG B 39 -16.89 -24.14 4.12
CA ARG B 39 -16.58 -22.83 3.57
C ARG B 39 -16.94 -21.74 4.57
N ILE B 40 -15.92 -21.14 5.17
CA ILE B 40 -16.07 -20.05 6.14
C ILE B 40 -16.07 -18.71 5.44
N LYS B 41 -17.24 -18.07 5.33
CA LYS B 41 -17.28 -16.75 4.73
C LYS B 41 -16.78 -15.77 5.77
N CYS B 42 -16.34 -14.61 5.33
CA CYS B 42 -15.97 -13.57 6.28
C CYS B 42 -17.25 -12.87 6.68
N ALA B 43 -17.52 -12.81 7.98
CA ALA B 43 -18.82 -12.33 8.47
C ALA B 43 -19.03 -10.85 8.15
N LEU B 44 -17.94 -10.08 8.14
CA LEU B 44 -17.99 -8.63 8.02
C LEU B 44 -18.72 -8.11 6.79
N PHE B 45 -18.75 -8.90 5.73
CA PHE B 45 -19.35 -8.43 4.48
C PHE B 45 -20.86 -8.65 4.57
N TYR B 46 -21.22 -9.71 5.30
CA TYR B 46 -22.58 -10.21 5.35
C TYR B 46 -23.30 -9.78 6.63
N GLY B 47 -23.34 -8.48 6.88
CA GLY B 47 -23.93 -7.97 8.11
C GLY B 47 -23.35 -6.64 8.55
N TYR B 48 -22.14 -6.70 9.08
CA TYR B 48 -21.49 -5.55 9.72
C TYR B 48 -21.28 -4.38 8.77
N ILE B 49 -20.34 -4.55 7.85
CA ILE B 49 -19.99 -3.48 6.91
C ILE B 49 -20.92 -3.43 5.70
N ARG B 50 -20.94 -2.29 5.03
CA ARG B 50 -21.86 -2.00 3.94
C ARG B 50 -21.60 -2.67 2.57
N THR B 51 -20.33 -2.86 2.21
CA THR B 51 -20.00 -3.30 0.84
C THR B 51 -19.74 -4.80 0.70
N ASN B 52 -19.51 -5.26 -0.53
CA ASN B 52 -19.03 -6.62 -0.78
C ASN B 52 -17.52 -6.67 -0.97
N TYR B 53 -17.01 -7.85 -1.31
CA TYR B 53 -15.57 -8.11 -1.39
C TYR B 53 -14.87 -7.40 -2.56
N SER B 54 -15.42 -7.55 -3.76
CA SER B 54 -14.85 -6.96 -4.97
C SER B 54 -14.61 -5.45 -4.83
N LEU B 55 -15.57 -4.77 -4.21
CA LEU B 55 -15.52 -3.32 -4.02
C LEU B 55 -14.43 -2.93 -3.01
N ALA B 56 -14.29 -3.74 -1.97
CA ALA B 56 -13.24 -3.57 -0.97
C ALA B 56 -11.86 -3.58 -1.62
N GLN B 57 -11.69 -4.47 -2.60
CA GLN B 57 -10.43 -4.59 -3.34
C GLN B 57 -10.15 -3.36 -4.19
N SER B 58 -11.12 -3.03 -5.05
CA SER B 58 -11.15 -1.79 -5.83
C SER B 58 -10.73 -0.52 -5.06
N ALA B 59 -11.24 -0.36 -3.84
CA ALA B 59 -10.90 0.78 -3.00
C ALA B 59 -9.53 0.61 -2.31
N GLY B 60 -8.80 -0.42 -2.70
CA GLY B 60 -7.40 -0.58 -2.35
C GLY B 60 -7.22 -1.08 -0.93
N LEU B 61 -8.17 -1.88 -0.48
CA LEU B 61 -8.12 -2.47 0.85
C LEU B 61 -7.62 -3.90 0.79
N SER B 62 -6.85 -4.27 1.81
CA SER B 62 -6.31 -5.62 1.93
C SER B 62 -7.25 -6.47 2.78
N LEU B 63 -7.30 -7.76 2.48
CA LEU B 63 -8.08 -8.72 3.26
C LEU B 63 -7.09 -9.73 3.81
N MET B 64 -7.08 -9.89 5.13
CA MET B 64 -6.14 -10.81 5.72
C MET B 64 -6.79 -11.75 6.73
N TRP B 65 -6.28 -12.97 6.80
CA TRP B 65 -6.75 -13.94 7.78
C TRP B 65 -5.72 -14.29 8.86
N TYR B 66 -6.17 -14.43 10.11
CA TYR B 66 -5.31 -14.92 11.19
C TYR B 66 -6.04 -16.00 11.97
N LYS B 67 -5.29 -16.89 12.61
CA LYS B 67 -5.90 -17.98 13.36
C LYS B 67 -5.44 -18.03 14.81
N SER B 68 -6.38 -17.85 15.73
CA SER B 68 -6.11 -18.03 17.14
C SER B 68 -6.67 -19.40 17.50
N SER B 69 -6.17 -20.01 18.56
CA SER B 69 -6.60 -21.36 18.92
C SER B 69 -7.68 -21.26 19.99
N GLY B 70 -8.17 -20.04 20.20
CA GLY B 70 -9.11 -19.76 21.27
C GLY B 70 -8.72 -18.45 21.93
N PRO B 71 -9.50 -18.00 22.92
CA PRO B 71 -9.11 -16.81 23.67
C PRO B 71 -8.48 -17.18 25.02
N GLY B 72 -7.28 -16.67 25.28
CA GLY B 72 -6.59 -15.83 24.31
C GLY B 72 -5.23 -16.32 23.85
N ASP B 73 -5.18 -16.91 22.67
CA ASP B 73 -3.92 -17.33 22.07
C ASP B 73 -3.66 -16.32 20.97
N PHE B 74 -2.39 -16.01 20.73
CA PHE B 74 -2.10 -14.97 19.77
C PHE B 74 -2.26 -15.49 18.36
N GLU B 75 -2.73 -14.62 17.48
CA GLU B 75 -3.09 -15.02 16.14
C GLU B 75 -1.83 -15.08 15.28
N GLU B 76 -1.57 -16.28 14.76
CA GLU B 76 -0.62 -16.45 13.68
C GLU B 76 -1.34 -16.23 12.36
N PRO B 77 -0.71 -15.51 11.43
CA PRO B 77 -1.26 -15.42 10.08
C PRO B 77 -1.16 -16.75 9.32
N ILE B 78 -1.81 -17.80 9.83
CA ILE B 78 -2.39 -18.91 9.06
C ILE B 78 -1.86 -19.15 7.63
N ALA B 79 -1.07 -20.21 7.50
CA ALA B 79 -0.32 -20.56 6.29
C ALA B 79 -1.14 -21.46 5.36
N PHE B 80 -1.49 -20.94 4.18
CA PHE B 80 -2.28 -21.66 3.19
C PHE B 80 -1.46 -22.53 2.25
N ASP B 81 -1.95 -23.74 1.99
CA ASP B 81 -1.61 -24.39 0.74
C ASP B 81 -2.67 -23.96 -0.28
N GLY B 82 -2.94 -24.79 -1.28
CA GLY B 82 -3.96 -24.46 -2.26
C GLY B 82 -4.95 -25.58 -2.45
N SER B 83 -4.66 -26.71 -1.81
CA SER B 83 -5.45 -27.92 -1.98
C SER B 83 -6.58 -28.00 -0.97
N ARG B 84 -6.22 -28.38 0.25
CA ARG B 84 -7.16 -28.48 1.35
C ARG B 84 -7.56 -27.08 1.82
N MET B 85 -6.68 -26.46 2.59
CA MET B 85 -6.94 -25.15 3.16
C MET B 85 -6.62 -24.04 2.15
N SER B 86 -7.50 -23.84 1.17
CA SER B 86 -7.33 -22.75 0.19
C SER B 86 -7.97 -21.43 0.61
N LYS B 87 -7.72 -20.38 -0.18
CA LYS B 87 -8.30 -19.06 0.09
C LYS B 87 -9.03 -18.45 -1.11
N GLU B 88 -10.20 -18.94 -1.48
CA GLU B 88 -10.88 -18.29 -2.60
C GLU B 88 -11.39 -16.92 -2.13
N GLU B 89 -12.01 -16.16 -3.02
CA GLU B 89 -12.07 -14.69 -2.92
C GLU B 89 -12.35 -14.04 -1.53
N ASP B 90 -13.51 -14.29 -0.91
CA ASP B 90 -13.78 -13.64 0.37
C ASP B 90 -13.99 -14.63 1.50
N SER B 91 -13.52 -15.86 1.31
CA SER B 91 -13.77 -16.91 2.28
C SER B 91 -12.59 -17.85 2.37
N ILE B 92 -12.70 -18.83 3.25
CA ILE B 92 -11.73 -19.90 3.31
C ILE B 92 -12.43 -21.23 3.05
N TRP B 93 -11.79 -22.09 2.25
CA TRP B 93 -12.32 -23.42 1.97
C TRP B 93 -11.48 -24.48 2.66
N PHE B 94 -12.14 -25.39 3.37
CA PHE B 94 -11.46 -26.58 3.90
C PHE B 94 -11.97 -27.80 3.17
N ARG B 95 -11.04 -28.60 2.67
CA ARG B 95 -11.41 -29.84 2.01
C ARG B 95 -10.31 -30.91 2.09
N PRO B 96 -10.43 -31.81 3.08
CA PRO B 96 -11.52 -31.79 4.05
C PRO B 96 -11.16 -30.96 5.28
N THR B 97 -11.93 -31.15 6.34
CA THR B 97 -11.66 -30.50 7.61
C THR B 97 -10.75 -31.42 8.42
N LEU B 98 -9.94 -30.86 9.30
CA LEU B 98 -9.02 -31.64 10.12
C LEU B 98 -9.24 -31.24 11.57
N LEU B 99 -8.90 -32.14 12.51
CA LEU B 99 -9.13 -31.85 13.92
C LEU B 99 -8.36 -30.62 14.39
N GLN B 100 -7.15 -30.44 13.87
CA GLN B 100 -6.34 -29.29 14.23
C GLN B 100 -6.88 -28.00 13.60
N ASP B 101 -7.90 -28.11 12.77
CA ASP B 101 -8.46 -26.94 12.09
C ASP B 101 -9.41 -26.14 13.00
N SER B 102 -9.73 -26.70 14.16
CA SER B 102 -10.63 -26.03 15.11
C SER B 102 -9.99 -24.75 15.59
N GLY B 103 -10.80 -23.72 15.83
CA GLY B 103 -10.27 -22.49 16.40
C GLY B 103 -11.05 -21.25 16.04
N LEU B 104 -10.46 -20.10 16.34
CA LEU B 104 -11.07 -18.84 15.95
C LEU B 104 -10.27 -18.30 14.77
N TYR B 105 -10.99 -17.83 13.76
CA TYR B 105 -10.37 -17.36 12.53
C TYR B 105 -10.63 -15.88 12.33
N ALA B 106 -9.66 -15.05 12.70
CA ALA B 106 -9.81 -13.61 12.57
C ALA B 106 -9.71 -13.17 11.12
N CYS B 107 -10.55 -12.21 10.76
CA CYS B 107 -10.70 -11.77 9.39
C CYS B 107 -10.49 -10.26 9.36
N VAL B 108 -9.41 -9.81 8.76
CA VAL B 108 -9.01 -8.40 8.86
C VAL B 108 -9.07 -7.63 7.54
N ILE B 109 -9.46 -6.36 7.62
CA ILE B 109 -9.59 -5.47 6.47
C ILE B 109 -8.84 -4.16 6.77
N ARG B 110 -8.25 -3.52 5.76
CA ARG B 110 -7.33 -2.41 6.02
C ARG B 110 -7.11 -1.41 4.89
N ASN B 111 -7.27 -0.12 5.20
CA ASN B 111 -6.73 0.97 4.40
C ASN B 111 -5.24 1.11 4.73
N SER B 112 -4.93 2.20 5.42
CA SER B 112 -3.69 2.39 6.16
C SER B 112 -4.03 3.44 7.22
N THR B 113 -5.30 3.85 7.17
CA THR B 113 -5.93 4.76 8.13
C THR B 113 -7.18 4.10 8.68
N TYR B 114 -7.31 2.80 8.42
CA TYR B 114 -8.54 2.05 8.64
C TYR B 114 -8.19 0.59 8.90
N CYS B 115 -8.75 0.03 9.96
CA CYS B 115 -8.45 -1.34 10.35
C CYS B 115 -9.59 -1.91 11.18
N MET B 116 -10.15 -3.02 10.71
CA MET B 116 -11.27 -3.66 11.40
C MET B 116 -11.25 -5.18 11.23
N LYS B 117 -11.51 -5.91 12.31
CA LYS B 117 -11.52 -7.36 12.24
C LYS B 117 -12.61 -7.99 13.11
N VAL B 118 -13.05 -9.18 12.72
CA VAL B 118 -13.99 -9.97 13.48
C VAL B 118 -13.43 -11.39 13.61
N SER B 119 -13.84 -12.11 14.64
CA SER B 119 -13.45 -13.51 14.77
C SER B 119 -14.65 -14.39 14.44
N ILE B 120 -14.39 -15.52 13.78
CA ILE B 120 -15.42 -16.50 13.51
C ILE B 120 -15.01 -17.85 14.07
N SER B 121 -15.95 -18.51 14.74
CA SER B 121 -15.65 -19.71 15.54
C SER B 121 -15.94 -21.00 14.78
N LEU B 122 -14.93 -21.87 14.74
CA LEU B 122 -15.00 -23.13 14.01
C LEU B 122 -14.69 -24.33 14.92
N THR B 123 -15.62 -25.27 14.99
CA THR B 123 -15.45 -26.47 15.83
C THR B 123 -15.47 -27.76 15.01
N VAL B 124 -14.32 -28.42 14.93
CA VAL B 124 -14.21 -29.70 14.26
C VAL B 124 -14.44 -30.84 15.25
N GLY B 125 -15.57 -31.53 15.10
CA GLY B 125 -15.99 -32.56 16.03
C GLY B 125 -15.96 -33.96 15.45
N GLU B 126 -16.15 -34.95 16.32
CA GLU B 126 -16.11 -36.35 15.90
C GLU B 126 -17.43 -37.04 16.17
N ASN B 127 -17.74 -38.07 15.36
CA ASN B 127 -18.94 -38.86 15.55
C ASN B 127 -19.01 -39.45 16.94
N ASP B 128 -20.19 -39.44 17.55
CA ASP B 128 -20.35 -40.05 18.86
C ASP B 128 -20.28 -41.56 18.71
N THR B 129 -19.62 -42.20 19.69
CA THR B 129 -19.30 -43.63 19.68
C THR B 129 -20.37 -44.56 19.08
N GLY B 130 -20.15 -44.98 17.85
CA GLY B 130 -21.03 -45.95 17.19
C GLY B 130 -21.98 -45.37 16.16
N LEU B 131 -21.95 -44.05 16.00
CA LEU B 131 -22.93 -43.36 15.16
C LEU B 131 -22.27 -42.61 14.00
N CYS B 132 -23.07 -41.80 13.31
CA CYS B 132 -22.57 -40.98 12.19
C CYS B 132 -22.55 -39.50 12.58
N TYR B 133 -23.60 -39.08 13.28
CA TYR B 133 -23.69 -37.73 13.81
C TYR B 133 -22.81 -37.55 15.03
N ASN B 134 -22.61 -36.29 15.43
CA ASN B 134 -22.05 -35.98 16.73
C ASN B 134 -23.20 -35.58 17.65
N SER B 135 -23.35 -36.31 18.76
CA SER B 135 -24.45 -36.12 19.71
C SER B 135 -24.63 -34.67 20.17
N LYS B 136 -23.53 -33.95 20.30
CA LYS B 136 -23.53 -32.60 20.84
C LYS B 136 -23.60 -31.52 19.74
N MET B 137 -23.80 -31.95 18.50
CA MET B 137 -23.67 -31.05 17.35
C MET B 137 -24.84 -31.15 16.37
N LYS B 138 -26.01 -31.54 16.86
CA LYS B 138 -27.18 -31.69 16.01
C LYS B 138 -28.26 -30.63 16.29
N TYR B 139 -28.98 -30.24 15.25
CA TYR B 139 -30.09 -29.29 15.36
C TYR B 139 -31.21 -29.84 16.24
N PHE B 140 -32.31 -29.10 16.32
CA PHE B 140 -33.47 -29.56 17.08
C PHE B 140 -34.79 -29.06 16.49
N GLU B 141 -35.73 -29.99 16.36
CA GLU B 141 -37.05 -29.71 15.82
C GLU B 141 -38.12 -30.39 16.68
N LYS B 142 -39.38 -30.03 16.46
CA LYS B 142 -40.50 -30.66 17.16
C LYS B 142 -41.72 -30.75 16.26
N ALA B 143 -42.55 -31.76 16.49
CA ALA B 143 -43.72 -32.01 15.66
C ALA B 143 -44.90 -32.51 16.49
N GLU B 144 -46.06 -32.61 15.85
CA GLU B 144 -47.28 -33.04 16.53
C GLU B 144 -47.90 -34.26 15.87
N LEU B 145 -48.46 -35.15 16.69
CA LEU B 145 -49.25 -36.26 16.19
C LEU B 145 -50.44 -35.75 15.38
N SER B 146 -50.74 -36.44 14.28
CA SER B 146 -51.87 -36.12 13.40
C SER B 146 -51.75 -34.75 12.74
N LYS B 147 -50.54 -34.20 12.69
CA LYS B 147 -50.28 -32.95 11.98
C LYS B 147 -48.96 -33.00 11.22
N SER B 148 -48.84 -32.17 10.20
CA SER B 148 -47.75 -32.29 9.21
C SER B 148 -46.52 -31.44 9.54
N LYS B 149 -45.38 -32.12 9.67
CA LYS B 149 -44.11 -31.45 9.95
C LYS B 149 -43.20 -31.52 8.73
N GLU B 150 -42.46 -30.44 8.47
CA GLU B 150 -41.48 -30.42 7.39
C GLU B 150 -40.06 -30.24 7.90
N ILE B 151 -39.34 -31.36 8.05
CA ILE B 151 -37.92 -31.33 8.33
C ILE B 151 -37.20 -30.72 7.11
N SER B 152 -36.22 -29.87 7.37
CA SER B 152 -35.41 -29.31 6.31
C SER B 152 -33.98 -29.82 6.46
N CYS B 153 -33.15 -29.48 5.49
CA CYS B 153 -31.71 -29.68 5.57
C CYS B 153 -31.07 -28.32 5.33
N ARG B 154 -30.58 -27.70 6.40
CA ARG B 154 -30.22 -26.28 6.35
C ARG B 154 -28.72 -26.02 6.32
N ASP B 155 -28.37 -24.76 6.09
CA ASP B 155 -26.98 -24.28 6.04
C ASP B 155 -26.16 -24.88 4.89
N ILE B 156 -26.84 -25.51 3.93
CA ILE B 156 -26.16 -26.14 2.80
C ILE B 156 -25.85 -25.12 1.70
N GLU B 157 -26.76 -24.17 1.51
CA GLU B 157 -26.71 -23.12 0.46
C GLU B 157 -25.40 -22.91 -0.31
N ASP B 158 -24.26 -23.11 0.34
CA ASP B 158 -22.95 -22.98 -0.29
C ASP B 158 -22.59 -24.13 -1.23
N PHE B 159 -23.27 -25.27 -1.06
CA PHE B 159 -22.97 -26.47 -1.86
C PHE B 159 -23.95 -26.67 -3.02
N LEU B 160 -24.99 -25.85 -3.05
CA LEU B 160 -26.06 -25.91 -4.05
C LEU B 160 -25.54 -26.04 -5.49
N GLU B 165 -30.18 -29.21 -6.36
CA GLU B 165 -31.06 -30.36 -6.26
C GLU B 165 -30.34 -31.72 -6.29
N PRO B 166 -29.21 -31.85 -5.59
CA PRO B 166 -28.56 -33.18 -5.67
C PRO B 166 -29.27 -34.21 -4.80
N GLU B 167 -28.78 -35.44 -4.80
CA GLU B 167 -29.43 -36.53 -4.08
C GLU B 167 -29.24 -36.44 -2.56
N ILE B 168 -30.36 -36.45 -1.83
CA ILE B 168 -30.32 -36.50 -0.38
C ILE B 168 -30.71 -37.90 0.10
N LEU B 169 -29.82 -38.53 0.85
CA LEU B 169 -30.10 -39.84 1.44
C LEU B 169 -30.42 -39.69 2.93
N TRP B 170 -31.70 -39.64 3.26
CA TRP B 170 -32.14 -39.56 4.64
C TRP B 170 -31.97 -40.89 5.35
N TYR B 171 -31.32 -40.85 6.51
CA TYR B 171 -31.22 -42.01 7.37
C TYR B 171 -32.06 -41.80 8.62
N LYS B 172 -32.32 -42.90 9.32
CA LYS B 172 -32.97 -42.88 10.62
C LYS B 172 -32.09 -43.65 11.60
N GLU B 173 -31.60 -42.96 12.63
CA GLU B 173 -30.66 -43.55 13.58
C GLU B 173 -29.43 -44.09 12.85
N CYS B 174 -29.04 -43.37 11.80
CA CYS B 174 -27.87 -43.70 10.97
C CYS B 174 -27.98 -45.05 10.26
N ARG B 175 -29.18 -45.38 9.79
CA ARG B 175 -29.38 -46.59 8.99
C ARG B 175 -30.40 -46.34 7.88
N THR B 176 -30.01 -46.62 6.63
CA THR B 176 -30.90 -46.49 5.49
C THR B 176 -32.13 -47.37 5.66
N LYS B 177 -33.31 -46.78 5.54
CA LYS B 177 -34.55 -47.51 5.75
C LYS B 177 -35.50 -47.34 4.58
N ALA B 178 -36.51 -48.21 4.52
CA ALA B 178 -37.60 -48.11 3.57
C ALA B 178 -38.74 -47.32 4.18
N TRP B 179 -38.99 -46.13 3.65
CA TRP B 179 -39.97 -45.21 4.23
C TRP B 179 -41.41 -45.54 3.82
N ARG B 180 -42.31 -45.42 4.80
CA ARG B 180 -43.75 -45.63 4.59
C ARG B 180 -44.30 -44.62 3.56
N PRO B 181 -45.55 -44.81 3.07
CA PRO B 181 -45.96 -44.04 1.90
C PRO B 181 -46.32 -42.56 2.14
N SER B 182 -46.43 -42.14 3.40
CA SER B 182 -46.88 -40.78 3.71
C SER B 182 -45.75 -39.74 3.69
N ILE B 183 -44.62 -40.08 3.07
CA ILE B 183 -43.42 -39.25 3.16
C ILE B 183 -42.90 -38.77 1.80
N VAL B 184 -43.31 -37.56 1.42
CA VAL B 184 -42.98 -36.96 0.13
C VAL B 184 -41.61 -36.27 0.16
N PHE B 185 -40.62 -36.96 -0.40
CA PHE B 185 -39.29 -36.38 -0.59
C PHE B 185 -39.34 -35.44 -1.79
N LYS B 186 -38.95 -34.18 -1.58
CA LYS B 186 -38.73 -33.29 -2.71
C LYS B 186 -37.23 -33.10 -2.85
N ARG B 187 -36.80 -31.84 -2.97
CA ARG B 187 -35.37 -31.57 -3.00
C ARG B 187 -34.80 -31.65 -1.58
N ASP B 188 -34.54 -30.49 -0.99
CA ASP B 188 -33.86 -30.39 0.31
C ASP B 188 -34.75 -30.73 1.51
N THR B 189 -36.00 -31.12 1.26
CA THR B 189 -36.95 -31.33 2.35
C THR B 189 -37.42 -32.78 2.47
N LEU B 190 -38.33 -32.99 3.44
CA LEU B 190 -39.12 -34.22 3.52
C LEU B 190 -40.33 -33.91 4.40
N LEU B 191 -41.50 -34.38 3.97
CA LEU B 191 -42.75 -33.95 4.59
C LEU B 191 -43.60 -35.14 5.06
N ILE B 192 -43.65 -35.34 6.37
CA ILE B 192 -44.54 -36.33 6.95
C ILE B 192 -45.94 -35.71 7.08
N LYS B 193 -46.85 -36.14 6.20
CA LYS B 193 -48.19 -35.58 6.13
C LYS B 193 -49.04 -35.92 7.37
N GLU B 194 -48.69 -37.01 8.04
CA GLU B 194 -49.36 -37.42 9.28
C GLU B 194 -48.39 -38.06 10.26
N VAL B 195 -47.99 -37.30 11.27
CA VAL B 195 -46.93 -37.71 12.19
C VAL B 195 -47.42 -38.73 13.23
N LYS B 196 -46.74 -39.88 13.26
CA LYS B 196 -46.98 -40.89 14.29
C LYS B 196 -45.96 -40.77 15.41
N GLU B 197 -46.11 -41.58 16.44
CA GLU B 197 -45.19 -41.56 17.57
C GLU B 197 -43.84 -42.16 17.17
N ASP B 198 -43.88 -43.13 16.25
CA ASP B 198 -42.68 -43.78 15.71
C ASP B 198 -41.70 -42.77 15.10
N ASP B 199 -42.23 -41.65 14.64
CA ASP B 199 -41.44 -40.62 13.95
C ASP B 199 -40.33 -40.00 14.82
N ILE B 200 -40.40 -40.23 16.12
CA ILE B 200 -39.36 -39.77 17.04
C ILE B 200 -38.01 -40.39 16.72
N GLY B 201 -36.96 -39.56 16.72
CA GLY B 201 -35.62 -40.07 16.55
C GLY B 201 -34.66 -39.10 15.88
N ASN B 202 -33.54 -39.65 15.42
CA ASN B 202 -32.48 -38.85 14.83
C ASN B 202 -32.40 -39.01 13.33
N TYR B 203 -32.98 -38.05 12.62
CA TYR B 203 -32.93 -38.03 11.17
C TYR B 203 -31.61 -37.37 10.74
N THR B 204 -30.70 -38.17 10.21
CA THR B 204 -29.46 -37.65 9.66
C THR B 204 -29.53 -37.70 8.13
N CYS B 205 -29.34 -36.56 7.48
CA CYS B 205 -29.30 -36.53 6.02
C CYS B 205 -27.88 -36.45 5.52
N GLU B 206 -27.67 -36.89 4.29
CA GLU B 206 -26.34 -36.96 3.72
C GLU B 206 -26.28 -36.33 2.33
N LEU B 207 -25.11 -35.80 1.98
CA LEU B 207 -24.94 -35.12 0.70
C LEU B 207 -23.50 -35.23 0.19
N LYS B 208 -23.36 -35.29 -1.13
CA LYS B 208 -22.06 -35.41 -1.80
C LYS B 208 -21.66 -34.10 -2.48
N TYR B 209 -20.37 -33.80 -2.46
CA TYR B 209 -19.76 -32.62 -3.08
C TYR B 209 -18.26 -32.66 -2.81
N GLY B 210 -17.44 -32.18 -3.75
CA GLY B 210 -16.01 -32.12 -3.51
C GLY B 210 -15.06 -32.77 -4.51
N GLY B 211 -15.03 -34.11 -4.53
CA GLY B 211 -15.94 -34.94 -3.77
C GLY B 211 -15.61 -35.27 -2.32
N PHE B 212 -16.60 -35.05 -1.45
CA PHE B 212 -16.56 -35.50 -0.05
C PHE B 212 -17.97 -35.82 0.41
N VAL B 213 -18.16 -35.96 1.71
CA VAL B 213 -19.49 -36.22 2.27
C VAL B 213 -19.77 -35.32 3.46
N VAL B 214 -20.90 -34.61 3.41
CA VAL B 214 -21.33 -33.72 4.48
C VAL B 214 -22.59 -34.26 5.14
N ARG B 215 -22.69 -34.14 6.46
CA ARG B 215 -23.87 -34.58 7.19
C ARG B 215 -24.45 -33.47 8.05
N ARG B 216 -25.77 -33.38 8.05
CA ARG B 216 -26.52 -32.47 8.92
C ARG B 216 -27.66 -33.24 9.55
N THR B 217 -27.61 -33.43 10.86
CA THR B 217 -28.56 -34.31 11.53
C THR B 217 -29.44 -33.53 12.49
N THR B 218 -30.74 -33.83 12.47
CA THR B 218 -31.68 -33.15 13.37
C THR B 218 -32.50 -34.19 14.15
N GLU B 219 -32.66 -33.94 15.44
CA GLU B 219 -33.40 -34.84 16.32
C GLU B 219 -34.87 -34.45 16.37
N LEU B 220 -35.75 -35.41 16.13
CA LEU B 220 -37.18 -35.15 16.12
C LEU B 220 -37.88 -35.65 17.38
N THR B 221 -38.47 -34.72 18.12
CA THR B 221 -39.32 -35.04 19.26
C THR B 221 -40.76 -34.66 18.88
N VAL B 222 -41.71 -35.54 19.19
CA VAL B 222 -43.11 -35.26 18.84
C VAL B 222 -43.94 -35.06 20.11
N THR B 223 -45.02 -34.30 19.98
CA THR B 223 -45.92 -34.03 21.10
C THR B 223 -47.35 -34.33 20.71
N ALA B 224 -48.24 -34.30 21.71
CA ALA B 224 -49.67 -34.27 21.48
C ALA B 224 -50.01 -32.99 20.69
N PRO B 225 -51.19 -32.94 20.06
CA PRO B 225 -51.52 -31.71 19.34
C PRO B 225 -51.70 -30.53 20.29
N LEU B 226 -51.87 -29.33 19.75
CA LEU B 226 -52.17 -28.16 20.58
C LEU B 226 -53.51 -28.31 21.26
N THR B 227 -53.49 -28.39 22.59
CA THR B 227 -54.72 -28.42 23.37
C THR B 227 -55.49 -27.12 23.13
N ASP B 228 -56.80 -27.22 23.20
CA ASP B 228 -57.67 -26.07 22.98
C ASP B 228 -58.56 -25.86 24.19
N LYS B 229 -58.42 -26.75 25.15
CA LYS B 229 -59.19 -26.70 26.38
C LYS B 229 -58.37 -26.07 27.50
N PRO B 230 -59.04 -25.32 28.40
CA PRO B 230 -58.38 -24.82 29.61
C PRO B 230 -57.84 -25.99 30.43
N PRO B 231 -56.85 -25.73 31.30
CA PRO B 231 -56.28 -26.79 32.15
C PRO B 231 -57.32 -27.47 33.04
N LYS B 232 -56.88 -28.45 33.83
CA LYS B 232 -57.77 -29.26 34.63
C LYS B 232 -57.30 -29.35 36.08
N LEU B 233 -58.14 -28.90 37.00
CA LEU B 233 -57.80 -28.98 38.42
C LEU B 233 -57.94 -30.42 38.94
N LEU B 234 -57.11 -30.78 39.91
CA LEU B 234 -57.15 -32.10 40.54
C LEU B 234 -57.40 -31.92 42.04
N TYR B 235 -56.34 -31.63 42.78
CA TYR B 235 -56.43 -30.96 44.08
C TYR B 235 -56.38 -29.46 43.84
N PRO B 236 -57.49 -28.73 44.05
CA PRO B 236 -58.84 -29.16 44.40
C PRO B 236 -59.78 -29.17 43.18
N MET B 237 -60.90 -29.88 43.27
CA MET B 237 -61.84 -29.94 42.17
C MET B 237 -62.60 -28.63 41.99
N GLU B 238 -62.88 -28.26 40.75
CA GLU B 238 -63.45 -26.95 40.43
C GLU B 238 -64.85 -26.71 41.01
N SER B 239 -65.48 -27.78 41.49
CA SER B 239 -66.79 -27.68 42.12
C SER B 239 -66.73 -28.02 43.61
N LYS B 240 -66.18 -29.19 43.91
CA LYS B 240 -66.05 -29.67 45.28
C LYS B 240 -65.35 -28.67 46.19
N LEU B 241 -66.13 -27.98 47.01
CA LEU B 241 -65.55 -27.15 48.06
C LEU B 241 -64.92 -28.08 49.07
N THR B 242 -63.61 -28.27 48.94
CA THR B 242 -62.85 -29.14 49.83
C THR B 242 -62.27 -28.32 50.97
N VAL B 243 -62.09 -28.96 52.13
CA VAL B 243 -61.65 -28.24 53.33
C VAL B 243 -60.39 -28.88 53.93
N GLN B 244 -59.45 -28.03 54.30
CA GLN B 244 -58.24 -28.44 55.00
C GLN B 244 -58.30 -28.06 56.47
N GLU B 245 -58.07 -29.04 57.35
CA GLU B 245 -58.02 -28.77 58.77
C GLU B 245 -56.66 -28.20 59.15
N THR B 246 -56.66 -27.26 60.10
CA THR B 246 -55.43 -26.74 60.66
C THR B 246 -55.73 -26.23 62.07
N GLN B 247 -54.69 -26.14 62.89
CA GLN B 247 -54.79 -25.47 64.16
C GLN B 247 -53.94 -24.22 64.07
N LEU B 248 -54.29 -23.20 64.83
CA LEU B 248 -53.50 -21.98 64.95
C LEU B 248 -52.07 -22.33 65.37
N GLY B 249 -51.12 -21.50 64.96
CA GLY B 249 -49.72 -21.70 65.35
C GLY B 249 -49.01 -22.82 64.61
N GLY B 250 -49.77 -23.68 63.95
CA GLY B 250 -49.17 -24.73 63.13
C GLY B 250 -48.69 -24.13 61.81
N SER B 251 -48.12 -24.98 60.95
CA SER B 251 -47.77 -24.54 59.60
C SER B 251 -48.71 -25.21 58.59
N ALA B 252 -48.96 -24.54 57.46
CA ALA B 252 -49.98 -25.00 56.52
C ALA B 252 -49.44 -25.24 55.10
N ASN B 253 -49.86 -26.36 54.51
CA ASN B 253 -49.47 -26.74 53.15
C ASN B 253 -50.70 -27.01 52.29
N LEU B 254 -51.08 -26.03 51.48
CA LEU B 254 -52.19 -26.18 50.54
C LEU B 254 -51.66 -26.46 49.13
N THR B 255 -51.49 -27.73 48.80
CA THR B 255 -50.84 -28.13 47.56
C THR B 255 -51.83 -28.25 46.41
N CYS B 256 -51.83 -27.27 45.51
CA CYS B 256 -52.64 -27.33 44.30
C CYS B 256 -52.01 -28.32 43.33
N ARG B 257 -52.85 -28.95 42.53
CA ARG B 257 -52.40 -29.94 41.57
C ARG B 257 -53.28 -29.85 40.33
N ALA B 258 -52.68 -29.57 39.19
CA ALA B 258 -53.45 -29.38 37.97
C ALA B 258 -52.74 -29.94 36.73
N PHE B 259 -53.53 -30.06 35.66
CA PHE B 259 -53.09 -30.71 34.43
C PHE B 259 -53.17 -29.76 33.23
N PHE B 260 -52.08 -29.70 32.47
CA PHE B 260 -52.01 -28.83 31.30
C PHE B 260 -51.86 -29.65 30.02
N GLY B 261 -52.66 -29.34 29.01
CA GLY B 261 -52.42 -29.86 27.68
C GLY B 261 -51.25 -29.10 27.08
N TYR B 262 -50.63 -29.66 26.04
CA TYR B 262 -49.50 -29.00 25.39
C TYR B 262 -49.87 -27.60 24.89
N SER B 263 -49.20 -26.58 25.44
CA SER B 263 -49.46 -25.20 25.07
C SER B 263 -48.20 -24.54 24.50
N GLY B 264 -47.29 -25.38 24.01
CA GLY B 264 -46.02 -24.89 23.47
C GLY B 264 -44.96 -24.78 24.54
N ASP B 265 -43.97 -23.93 24.29
CA ASP B 265 -42.86 -23.75 25.22
C ASP B 265 -43.27 -22.90 26.44
N VAL B 266 -44.44 -22.27 26.35
CA VAL B 266 -44.97 -21.47 27.45
C VAL B 266 -44.99 -22.27 28.75
N SER B 267 -44.36 -21.73 29.79
CA SER B 267 -44.37 -22.33 31.11
C SER B 267 -45.79 -22.27 31.69
N PRO B 268 -46.22 -23.34 32.37
CA PRO B 268 -47.58 -23.45 32.91
C PRO B 268 -47.95 -22.26 33.78
N LEU B 269 -49.20 -21.81 33.68
CA LEU B 269 -49.64 -20.69 34.51
C LEU B 269 -50.62 -21.17 35.58
N ILE B 270 -50.08 -21.50 36.75
CA ILE B 270 -50.88 -21.92 37.89
C ILE B 270 -50.48 -21.10 39.12
N TYR B 271 -51.48 -20.63 39.86
CA TYR B 271 -51.23 -19.74 40.97
C TYR B 271 -52.41 -19.69 41.95
N TRP B 272 -52.14 -19.21 43.17
CA TRP B 272 -53.15 -19.11 44.22
C TRP B 272 -53.58 -17.66 44.44
N MET B 273 -54.70 -17.49 45.13
CA MET B 273 -55.16 -16.16 45.53
C MET B 273 -56.03 -16.17 46.78
N LYS B 274 -55.95 -15.09 47.55
CA LYS B 274 -56.80 -14.87 48.72
C LYS B 274 -57.73 -13.69 48.46
N GLY B 275 -59.00 -13.97 48.22
CA GLY B 275 -59.96 -12.95 47.86
C GLY B 275 -59.55 -12.21 46.60
N GLU B 276 -59.20 -10.94 46.75
CA GLU B 276 -58.67 -10.15 45.64
C GLU B 276 -57.21 -9.79 45.88
N LYS B 277 -56.63 -10.38 46.92
CA LYS B 277 -55.20 -10.23 47.17
C LYS B 277 -54.44 -11.39 46.55
N PHE B 278 -53.37 -11.07 45.83
CA PHE B 278 -52.45 -12.09 45.37
C PHE B 278 -51.47 -12.40 46.51
N ILE B 279 -51.03 -13.65 46.58
CA ILE B 279 -50.27 -14.17 47.74
C ILE B 279 -48.97 -13.43 48.07
N GLU B 280 -48.05 -13.37 47.11
CA GLU B 280 -46.70 -12.86 47.33
C GLU B 280 -46.63 -11.47 47.99
N ASP B 281 -47.56 -10.60 47.62
CA ASP B 281 -47.61 -9.24 48.12
C ASP B 281 -48.08 -9.16 49.58
N LEU B 282 -48.90 -10.14 49.97
CA LEU B 282 -49.50 -10.20 51.31
C LEU B 282 -48.49 -10.58 52.39
N ASP B 283 -47.57 -11.47 52.03
CA ASP B 283 -46.70 -12.20 52.96
C ASP B 283 -46.04 -11.42 54.10
N GLU B 284 -44.83 -10.94 53.82
CA GLU B 284 -43.83 -10.49 54.81
C GLU B 284 -43.24 -11.69 55.55
N ASN B 285 -42.94 -12.73 54.77
CA ASN B 285 -42.34 -13.98 55.22
C ASN B 285 -43.14 -14.71 56.32
N ARG B 286 -44.39 -15.05 55.98
CA ARG B 286 -45.22 -15.92 56.80
C ARG B 286 -46.08 -16.80 55.88
N VAL B 287 -46.52 -16.23 54.76
CA VAL B 287 -47.43 -16.89 53.82
C VAL B 287 -46.97 -16.72 52.37
N TRP B 288 -46.50 -17.80 51.75
CA TRP B 288 -45.87 -17.68 50.44
C TRP B 288 -46.05 -18.88 49.51
N GLU B 289 -45.99 -18.61 48.20
CA GLU B 289 -46.11 -19.65 47.19
C GLU B 289 -44.78 -20.33 46.91
N SER B 290 -44.81 -21.64 46.80
CA SER B 290 -43.61 -22.44 46.53
C SER B 290 -43.13 -22.26 45.09
N ASP B 291 -42.21 -23.12 44.67
CA ASP B 291 -41.79 -23.17 43.28
C ASP B 291 -42.52 -24.31 42.57
N ILE B 292 -43.06 -24.01 41.39
CA ILE B 292 -43.89 -24.93 40.62
C ILE B 292 -43.13 -26.21 40.28
N ARG B 293 -43.43 -27.28 41.01
CA ARG B 293 -42.87 -28.59 40.71
C ARG B 293 -43.63 -29.23 39.56
N ILE B 294 -42.90 -29.88 38.65
CA ILE B 294 -43.50 -30.67 37.60
C ILE B 294 -43.53 -32.13 38.04
N LEU B 295 -44.73 -32.64 38.26
CA LEU B 295 -44.90 -33.99 38.80
C LEU B 295 -44.87 -35.05 37.70
N LYS B 296 -45.53 -34.75 36.59
CA LYS B 296 -45.59 -35.69 35.48
C LYS B 296 -45.50 -35.00 34.12
N GLU B 297 -44.50 -35.39 33.35
CA GLU B 297 -44.21 -34.76 32.07
C GLU B 297 -44.21 -35.82 30.96
N HIS B 298 -45.03 -35.60 29.93
CA HIS B 298 -45.20 -36.59 28.88
C HIS B 298 -45.80 -36.03 27.58
N LEU B 299 -44.92 -35.72 26.64
CA LEU B 299 -45.24 -35.38 25.24
C LEU B 299 -46.57 -34.68 24.92
N GLY B 300 -46.71 -33.40 25.27
CA GLY B 300 -45.78 -32.66 26.11
C GLY B 300 -46.65 -32.06 27.19
N GLU B 301 -47.63 -32.86 27.61
CA GLU B 301 -48.64 -32.45 28.56
C GLU B 301 -48.17 -32.73 29.98
N GLN B 302 -48.50 -31.84 30.91
CA GLN B 302 -47.93 -31.90 32.25
C GLN B 302 -48.95 -32.02 33.36
N GLU B 303 -48.48 -32.56 34.49
CA GLU B 303 -49.21 -32.51 35.74
C GLU B 303 -48.34 -31.76 36.74
N VAL B 304 -48.64 -30.48 36.97
CA VAL B 304 -47.80 -29.63 37.81
C VAL B 304 -48.36 -29.47 39.22
N SER B 305 -47.53 -28.94 40.12
CA SER B 305 -47.92 -28.72 41.50
C SER B 305 -47.29 -27.45 42.06
N ILE B 306 -48.13 -26.63 42.69
CA ILE B 306 -47.67 -25.47 43.44
C ILE B 306 -48.47 -25.40 44.73
N SER B 307 -47.78 -25.17 45.85
CA SER B 307 -48.40 -25.22 47.16
C SER B 307 -48.36 -23.88 47.90
N LEU B 308 -49.42 -23.59 48.64
CA LEU B 308 -49.43 -22.45 49.54
C LEU B 308 -48.73 -22.86 50.83
N ILE B 309 -47.99 -21.94 51.43
CA ILE B 309 -47.30 -22.20 52.69
C ILE B 309 -47.56 -21.09 53.72
N VAL B 310 -48.21 -21.45 54.81
CA VAL B 310 -48.44 -20.52 55.93
C VAL B 310 -47.60 -20.98 57.12
N ASP B 311 -46.70 -20.11 57.60
CA ASP B 311 -45.84 -20.41 58.72
C ASP B 311 -46.58 -20.35 60.04
N SER B 312 -46.81 -19.13 60.54
CA SER B 312 -47.57 -18.94 61.77
C SER B 312 -49.02 -18.66 61.44
N VAL B 313 -49.89 -19.65 61.68
CA VAL B 313 -51.30 -19.55 61.33
C VAL B 313 -52.07 -18.66 62.30
N GLU B 314 -52.37 -17.44 61.87
CA GLU B 314 -53.17 -16.52 62.66
C GLU B 314 -54.66 -16.75 62.42
N GLU B 315 -55.45 -15.71 62.62
CA GLU B 315 -56.90 -15.79 62.54
C GLU B 315 -57.69 -15.08 61.42
N GLY B 316 -57.12 -14.19 60.59
CA GLY B 316 -55.71 -13.89 60.45
C GLY B 316 -55.23 -14.41 59.10
N ASP B 317 -55.44 -15.71 58.87
CA ASP B 317 -55.16 -16.34 57.59
C ASP B 317 -56.35 -17.17 57.13
N LEU B 318 -57.09 -17.70 58.10
CA LEU B 318 -58.20 -18.63 57.87
C LEU B 318 -59.16 -18.21 56.75
N GLY B 319 -59.72 -19.21 56.07
CA GLY B 319 -60.82 -18.98 55.16
C GLY B 319 -60.63 -19.39 53.71
N ASN B 320 -60.81 -18.41 52.83
CA ASN B 320 -60.91 -18.68 51.40
C ASN B 320 -59.58 -18.53 50.66
N TYR B 321 -59.06 -19.67 50.19
CA TYR B 321 -57.94 -19.69 49.28
C TYR B 321 -58.31 -20.46 48.02
N SER B 322 -58.24 -19.78 46.89
CA SER B 322 -58.59 -20.37 45.60
C SER B 322 -57.36 -20.55 44.72
N CYS B 323 -57.20 -21.77 44.20
CA CYS B 323 -56.17 -22.07 43.22
C CYS B 323 -56.64 -21.66 41.85
N TYR B 324 -55.77 -20.98 41.10
CA TYR B 324 -56.11 -20.55 39.74
C TYR B 324 -55.26 -21.25 38.71
N VAL B 325 -55.91 -21.73 37.65
CA VAL B 325 -55.23 -22.40 36.55
C VAL B 325 -55.67 -21.76 35.24
N GLU B 326 -54.77 -21.72 34.27
CA GLU B 326 -54.99 -20.93 33.06
C GLU B 326 -53.97 -21.18 31.97
N ASN B 327 -54.44 -21.24 30.73
CA ASN B 327 -53.59 -21.22 29.55
C ASN B 327 -54.17 -20.24 28.54
N GLY B 328 -53.89 -20.44 27.26
CA GLY B 328 -54.45 -19.58 26.23
C GLY B 328 -55.83 -20.01 25.75
N ASN B 329 -56.62 -20.59 26.65
CA ASN B 329 -57.95 -21.10 26.30
C ASN B 329 -59.01 -20.80 27.36
N GLY B 330 -58.62 -20.09 28.41
CA GLY B 330 -59.56 -19.72 29.46
C GLY B 330 -58.92 -19.76 30.84
N ARG B 331 -59.72 -19.45 31.86
CA ARG B 331 -59.24 -19.41 33.23
C ARG B 331 -60.19 -20.17 34.17
N ARG B 332 -59.67 -21.23 34.78
CA ARG B 332 -60.45 -22.01 35.73
C ARG B 332 -59.84 -21.93 37.12
N HIS B 333 -60.69 -21.85 38.13
CA HIS B 333 -60.25 -21.79 39.51
C HIS B 333 -61.01 -22.78 40.37
N ALA B 334 -60.36 -23.29 41.42
CA ALA B 334 -61.03 -24.14 42.40
C ALA B 334 -60.90 -23.50 43.77
N SER B 335 -61.70 -23.97 44.72
CA SER B 335 -61.72 -23.33 46.04
C SER B 335 -61.59 -24.32 47.18
N VAL B 336 -60.79 -23.93 48.17
CA VAL B 336 -60.52 -24.75 49.35
C VAL B 336 -60.90 -23.95 50.61
N LEU B 337 -60.84 -24.61 51.76
CA LEU B 337 -61.13 -23.94 53.02
C LEU B 337 -60.09 -24.24 54.09
N LEU B 338 -59.66 -23.18 54.76
CA LEU B 338 -58.69 -23.25 55.85
C LEU B 338 -59.39 -22.98 57.18
N HIS B 339 -59.51 -24.01 58.02
CA HIS B 339 -60.16 -23.84 59.31
C HIS B 339 -59.76 -24.91 60.35
N LYS B 340 -60.47 -24.93 61.48
CA LYS B 340 -60.04 -25.61 62.69
C LYS B 340 -61.09 -26.57 63.26
N ARG B 341 -60.62 -27.62 63.93
CA ARG B 341 -61.48 -28.60 64.59
C ARG B 341 -61.78 -28.21 66.02
N LYS B 342 -63.07 -28.15 66.37
CA LYS B 342 -63.51 -27.72 67.69
C LYS B 342 -63.27 -28.78 68.76
N HIS B 343 -64.04 -28.73 69.84
CA HIS B 343 -63.91 -29.68 70.95
C HIS B 343 -64.24 -31.09 70.50
N HIS B 344 -63.65 -32.08 71.16
CA HIS B 344 -63.80 -33.48 70.76
C HIS B 344 -65.24 -33.99 70.96
N HIS B 345 -65.52 -35.20 70.48
CA HIS B 345 -66.90 -35.71 70.39
C HIS B 345 -67.65 -35.68 71.73
N HIS B 346 -67.98 -34.46 72.15
CA HIS B 346 -68.55 -34.20 73.46
C HIS B 346 -69.75 -33.25 73.30
N HIS B 347 -70.91 -33.82 73.03
CA HIS B 347 -72.08 -33.01 72.67
C HIS B 347 -73.39 -33.64 73.15
#